data_3K9M
#
_entry.id   3K9M
#
_cell.length_a   62.122
_cell.length_b   31.078
_cell.length_c   70.937
_cell.angle_alpha   89.950
_cell.angle_beta   104.450
_cell.angle_gamma   89.900
#
_symmetry.space_group_name_H-M   'P 1'
#
loop_
_entity.id
_entity.type
_entity.pdbx_description
1 polymer 'Cathepsin B'
2 polymer Cystatin-A
3 water water
#
loop_
_entity_poly.entity_id
_entity_poly.type
_entity_poly.pdbx_seq_one_letter_code
_entity_poly.pdbx_strand_id
1 'polypeptide(L)'
;LPASFDAREQWPQCPTIKEIRDQGSCGSCWAFGAVEAISDRICIHTNAHVSVEVSAEDLLTCCGSMCGDGCNGGYPAEAW
NFWTRKGLVSGGLYESHVGCRPYSIPPCEHHVNGSRPPCTGEGDTPKCSKICEPGYSPTYKQDKHYGYNSYSVSNSEKDI
MAEIYKNGPVEGAFSVYSDFLLYKSGVYQHVTGEMMGGHAIRILGWGVENGTPYWLVANSWNTDWGDNGFFKILRGQDHC
GIESEVVAGIPRTD
;
A,B
2 'polypeptide(L)'
;MIPGGLSEAKPATPEIQEIVDKVKPQLEEKTNETYGKLEAVQYKTQVVAGTNYYIKVRAGDNKYMHLKVFKSLPGQNEDL
VLTGYQVDKNKDDELTGF
;
C,D
#
# COMPACT_ATOMS: atom_id res chain seq x y z
N LEU A 1 -0.89 23.52 27.71
CA LEU A 1 -1.05 23.43 29.19
C LEU A 1 -2.42 22.93 29.74
N PRO A 2 -3.54 23.21 29.04
CA PRO A 2 -4.74 22.61 29.62
C PRO A 2 -4.89 21.16 29.22
N ALA A 3 -5.79 20.44 29.88
CA ALA A 3 -6.08 19.05 29.56
C ALA A 3 -6.85 18.97 28.25
N SER A 4 -7.74 19.94 28.09
CA SER A 4 -8.70 19.93 27.00
C SER A 4 -8.77 21.34 26.40
N PHE A 5 -8.60 21.44 25.09
CA PHE A 5 -8.73 22.75 24.43
C PHE A 5 -9.50 22.67 23.11
N ASP A 6 -10.43 23.60 22.91
CA ASP A 6 -11.24 23.67 21.69
C ASP A 6 -11.34 25.13 21.30
N ALA A 7 -10.79 25.46 20.11
CA ALA A 7 -10.88 26.82 19.60
C ALA A 7 -12.30 27.34 19.37
N ARG A 8 -13.26 26.47 19.06
CA ARG A 8 -14.64 26.94 18.89
C ARG A 8 -15.25 27.46 20.19
N GLU A 9 -14.65 27.13 21.32
CA GLU A 9 -15.18 27.55 22.59
C GLU A 9 -14.44 28.79 23.12
N GLN A 10 -13.14 28.86 22.83
CA GLN A 10 -12.25 29.93 23.29
C GLN A 10 -12.48 31.23 22.53
N TRP A 11 -12.85 31.13 21.25
CA TRP A 11 -13.03 32.30 20.44
C TRP A 11 -14.34 32.20 19.64
N PRO A 12 -15.49 32.10 20.34
CA PRO A 12 -16.83 31.92 19.74
C PRO A 12 -17.28 33.04 18.83
N GLN A 13 -16.61 34.19 18.86
CA GLN A 13 -17.06 35.35 18.13
C GLN A 13 -16.58 35.25 16.69
N CYS A 14 -15.92 34.14 16.36
CA CYS A 14 -15.32 33.95 15.05
C CYS A 14 -15.96 32.80 14.25
N PRO A 15 -17.08 33.09 13.54
CA PRO A 15 -17.76 32.10 12.76
C PRO A 15 -16.84 31.09 12.10
N THR A 16 -15.85 31.54 11.33
CA THR A 16 -15.04 30.64 10.51
C THR A 16 -14.47 29.41 11.24
N ILE A 17 -14.26 29.53 12.56
CA ILE A 17 -13.67 28.45 13.32
C ILE A 17 -14.68 27.31 13.48
N LYS A 18 -15.97 27.61 13.34
CA LYS A 18 -16.95 26.52 13.45
C LYS A 18 -17.45 26.03 12.12
N GLU A 19 -16.85 26.53 11.04
CA GLU A 19 -17.32 26.23 9.71
C GLU A 19 -16.55 25.14 8.97
N ILE A 20 -17.31 24.38 8.20
CA ILE A 20 -16.79 23.27 7.44
C ILE A 20 -17.02 23.57 5.96
N ARG A 21 -15.95 23.51 5.19
CA ARG A 21 -16.05 23.78 3.77
C ARG A 21 -16.10 22.46 3.00
N ASP A 22 -16.67 22.49 1.79
CA ASP A 22 -16.73 21.31 0.91
C ASP A 22 -15.77 21.48 -0.24
N GLN A 23 -14.81 20.58 -0.27
CA GLN A 23 -13.64 20.64 -1.11
C GLN A 23 -13.91 20.17 -2.57
N GLY A 24 -14.95 19.36 -2.76
CA GLY A 24 -15.30 18.86 -4.08
C GLY A 24 -14.47 17.69 -4.60
N SER A 25 -14.26 17.70 -5.93
CA SER A 25 -13.63 16.60 -6.71
C SER A 25 -12.14 16.77 -6.92
N CYS A 26 -11.55 17.80 -6.36
CA CYS A 26 -10.14 18.02 -6.63
C CYS A 26 -9.24 18.17 -5.39
N GLY A 27 -7.97 17.78 -5.54
CA GLY A 27 -7.05 17.68 -4.42
C GLY A 27 -6.48 19.01 -3.97
N SER A 28 -7.35 19.87 -3.44
CA SER A 28 -6.98 21.19 -2.94
C SER A 28 -7.00 21.24 -1.40
N CYS A 29 -7.08 20.07 -0.76
CA CYS A 29 -7.04 20.00 0.70
C CYS A 29 -5.88 20.83 1.24
N TRP A 30 -4.72 20.75 0.59
CA TRP A 30 -3.60 21.63 0.93
C TRP A 30 -3.95 23.16 0.91
N ALA A 31 -4.83 23.56 -0.02
CA ALA A 31 -5.25 24.95 -0.13
C ALA A 31 -6.28 25.31 0.93
N PHE A 32 -7.23 24.42 1.19
CA PHE A 32 -8.24 24.61 2.25
C PHE A 32 -7.66 24.61 3.67
N GLY A 33 -6.80 23.63 3.98
CA GLY A 33 -6.20 23.55 5.33
C GLY A 33 -5.58 24.90 5.71
N ALA A 34 -4.84 25.47 4.74
CA ALA A 34 -4.08 26.71 4.90
C ALA A 34 -4.98 27.94 5.03
N VAL A 35 -5.84 28.16 4.03
CA VAL A 35 -6.82 29.28 4.09
C VAL A 35 -7.81 29.15 5.24
N GLU A 36 -8.13 27.95 5.73
CA GLU A 36 -9.05 27.98 6.87
C GLU A 36 -8.35 28.32 8.17
N ALA A 37 -7.10 27.88 8.34
CA ALA A 37 -6.36 28.25 9.53
C ALA A 37 -6.05 29.73 9.52
N ILE A 38 -5.58 30.21 8.37
CA ILE A 38 -5.35 31.63 8.09
C ILE A 38 -6.59 32.48 8.36
N SER A 39 -7.76 32.09 7.82
CA SER A 39 -9.05 32.71 8.20
C SER A 39 -9.23 32.79 9.69
N ASP A 40 -9.08 31.65 10.36
CA ASP A 40 -9.23 31.55 11.80
C ASP A 40 -8.30 32.54 12.47
N ARG A 41 -7.03 32.52 12.05
CA ARG A 41 -5.99 33.31 12.74
C ARG A 41 -6.15 34.82 12.58
N ILE A 42 -6.75 35.25 11.47
CA ILE A 42 -7.00 36.67 11.26
C ILE A 42 -7.98 37.20 12.30
N CYS A 43 -9.00 36.39 12.59
CA CYS A 43 -10.03 36.75 13.54
C CYS A 43 -9.39 36.82 14.87
N ILE A 44 -8.67 35.76 15.24
CA ILE A 44 -8.15 35.66 16.59
C ILE A 44 -7.24 36.84 16.83
N HIS A 45 -6.40 37.11 15.84
CA HIS A 45 -5.40 38.17 15.93
C HIS A 45 -5.96 39.62 15.92
N THR A 46 -7.24 39.81 15.58
CA THR A 46 -7.78 41.18 15.60
C THR A 46 -8.91 41.38 16.64
N ASN A 47 -9.20 40.31 17.39
CA ASN A 47 -10.20 40.27 18.48
C ASN A 47 -11.60 40.27 17.89
N ALA A 48 -11.72 39.71 16.70
CA ALA A 48 -13.03 39.62 16.05
C ALA A 48 -13.35 40.80 15.19
N HIS A 49 -12.47 41.81 15.13
CA HIS A 49 -12.79 42.99 14.34
C HIS A 49 -12.88 42.69 12.84
N VAL A 50 -12.06 41.75 12.42
CA VAL A 50 -11.97 41.38 11.03
C VAL A 50 -12.29 39.90 10.99
N SER A 51 -13.40 39.56 10.32
CA SER A 51 -13.80 38.19 10.09
C SER A 51 -13.96 37.97 8.62
N VAL A 52 -13.08 37.18 8.04
CA VAL A 52 -13.16 36.94 6.63
C VAL A 52 -12.95 35.46 6.37
N GLU A 53 -13.51 34.94 5.30
CA GLU A 53 -13.20 33.62 4.87
C GLU A 53 -12.20 33.75 3.71
N VAL A 54 -10.91 33.79 4.07
CA VAL A 54 -9.82 33.92 3.09
C VAL A 54 -10.02 33.05 1.84
N SER A 55 -9.64 33.58 0.68
CA SER A 55 -9.93 32.94 -0.60
C SER A 55 -9.12 31.65 -0.86
N ALA A 56 -9.84 30.52 -0.86
CA ALA A 56 -9.29 29.25 -1.36
C ALA A 56 -9.11 29.27 -2.89
N GLU A 57 -10.07 29.82 -3.62
CA GLU A 57 -9.86 30.05 -5.05
C GLU A 57 -8.55 30.83 -5.32
N ASP A 58 -8.31 31.91 -4.58
CA ASP A 58 -7.08 32.74 -4.74
C ASP A 58 -5.81 31.94 -4.50
N LEU A 59 -5.78 31.14 -3.43
CA LEU A 59 -4.62 30.35 -3.09
C LEU A 59 -4.34 29.38 -4.21
N LEU A 60 -5.40 28.74 -4.68
CA LEU A 60 -5.32 27.70 -5.69
C LEU A 60 -5.00 28.25 -7.06
N THR A 61 -5.65 29.36 -7.43
CA THR A 61 -5.56 29.84 -8.82
C THR A 61 -4.46 30.85 -8.97
N CYS A 62 -4.12 31.58 -7.92
CA CYS A 62 -3.07 32.58 -8.08
C CYS A 62 -1.67 32.20 -7.57
N CYS A 63 -1.56 31.41 -6.50
CA CYS A 63 -0.24 30.80 -6.23
C CYS A 63 0.10 29.87 -7.39
N GLY A 64 -0.93 29.15 -7.84
CA GLY A 64 -0.94 28.38 -9.07
C GLY A 64 0.09 27.29 -9.08
N SER A 65 1.02 27.41 -10.01
CA SER A 65 2.08 26.42 -10.20
C SER A 65 3.12 26.39 -9.09
N MET A 66 3.26 27.48 -8.35
CA MET A 66 4.33 27.61 -7.39
C MET A 66 4.08 26.82 -6.09
N CYS A 67 2.82 26.49 -5.81
CA CYS A 67 2.42 25.80 -4.57
C CYS A 67 2.09 24.31 -4.80
N GLY A 68 2.19 23.85 -6.04
CA GLY A 68 1.89 22.45 -6.37
C GLY A 68 1.33 22.22 -7.78
N ASP A 69 0.28 21.42 -7.90
CA ASP A 69 -0.37 21.24 -9.19
C ASP A 69 -1.88 21.40 -9.10
N GLY A 70 -2.29 22.44 -8.38
CA GLY A 70 -3.70 22.78 -8.26
C GLY A 70 -4.52 21.68 -7.66
N CYS A 71 -5.46 21.19 -8.45
CA CYS A 71 -6.39 20.15 -8.04
C CYS A 71 -5.79 18.73 -8.06
N ASN A 72 -4.49 18.63 -8.26
CA ASN A 72 -3.75 17.35 -8.25
C ASN A 72 -2.70 17.25 -7.13
N GLY A 73 -2.85 18.08 -6.11
CA GLY A 73 -1.85 18.12 -5.07
C GLY A 73 -1.29 19.51 -4.90
N GLY A 74 -0.32 19.64 -4.00
CA GLY A 74 0.20 20.93 -3.60
C GLY A 74 0.87 20.84 -2.24
N TYR A 75 1.36 21.97 -1.75
CA TYR A 75 2.17 21.96 -0.54
C TYR A 75 1.70 22.99 0.48
N PRO A 76 1.43 22.54 1.73
CA PRO A 76 1.12 23.39 2.87
C PRO A 76 2.18 24.48 3.11
N ALA A 77 3.42 24.07 3.33
CA ALA A 77 4.49 25.02 3.60
C ALA A 77 4.64 26.01 2.45
N GLU A 78 3.96 25.76 1.33
CA GLU A 78 4.07 26.73 0.24
C GLU A 78 2.92 27.68 0.19
N ALA A 79 1.71 27.17 0.47
CA ALA A 79 0.51 27.99 0.59
C ALA A 79 0.72 29.11 1.61
N TRP A 80 1.35 28.76 2.71
CA TRP A 80 1.61 29.66 3.79
C TRP A 80 2.68 30.69 3.45
N ASN A 81 3.81 30.24 2.91
CA ASN A 81 4.78 31.19 2.36
C ASN A 81 4.17 32.23 1.39
N PHE A 82 3.27 31.80 0.49
CA PHE A 82 2.61 32.70 -0.49
C PHE A 82 1.68 33.77 0.15
N TRP A 83 1.07 33.42 1.27
CA TRP A 83 0.26 34.37 2.04
C TRP A 83 1.15 35.52 2.49
N THR A 84 2.39 35.19 2.84
CA THR A 84 3.40 36.13 3.32
C THR A 84 3.84 37.01 2.17
N ARG A 85 4.06 36.41 1.00
CA ARG A 85 4.59 37.14 -0.14
C ARG A 85 3.50 38.00 -0.78
N LYS A 86 2.45 37.38 -1.30
CA LYS A 86 1.46 38.09 -2.10
C LYS A 86 0.07 38.19 -1.49
N GLY A 87 -0.14 37.54 -0.35
CA GLY A 87 -1.39 37.59 0.37
C GLY A 87 -2.53 36.93 -0.37
N LEU A 88 -3.66 36.78 0.30
CA LEU A 88 -4.86 36.22 -0.31
C LEU A 88 -6.07 37.14 -0.08
N VAL A 89 -6.94 37.30 -1.09
CA VAL A 89 -8.21 38.05 -0.92
C VAL A 89 -9.30 37.19 -0.22
N SER A 90 -10.59 37.52 -0.34
CA SER A 90 -11.63 36.77 0.38
C SER A 90 -12.47 35.78 -0.45
N GLY A 91 -13.45 35.15 0.18
CA GLY A 91 -14.43 34.26 -0.47
C GLY A 91 -15.56 34.04 0.51
N GLY A 92 -15.79 35.08 1.32
CA GLY A 92 -16.72 35.13 2.46
C GLY A 92 -16.24 36.29 3.35
N LEU A 93 -17.11 37.24 3.67
CA LEU A 93 -16.73 38.46 4.45
C LEU A 93 -17.83 38.87 5.45
N TYR A 94 -17.45 39.14 6.71
CA TYR A 94 -18.43 39.17 7.79
C TYR A 94 -19.12 40.47 8.20
N GLU A 95 -20.45 40.33 8.25
CA GLU A 95 -21.51 41.35 8.21
C GLU A 95 -22.28 40.96 6.94
N SER A 96 -22.20 39.66 6.65
CA SER A 96 -22.91 39.01 5.54
C SER A 96 -22.20 39.16 4.18
N HIS A 97 -22.35 40.34 3.56
CA HIS A 97 -22.25 40.48 2.09
C HIS A 97 -21.83 39.23 1.30
N VAL A 98 -20.57 39.17 0.87
CA VAL A 98 -20.01 38.09 0.03
C VAL A 98 -18.55 38.45 -0.27
N GLY A 99 -17.71 37.44 -0.42
CA GLY A 99 -16.28 37.61 -0.65
C GLY A 99 -15.84 38.17 -1.99
N CYS A 100 -14.51 38.26 -2.15
CA CYS A 100 -13.86 38.72 -3.37
C CYS A 100 -13.77 37.58 -4.39
N ARG A 101 -12.99 36.54 -4.05
CA ARG A 101 -12.79 35.35 -4.90
C ARG A 101 -13.28 34.02 -4.26
N PRO A 102 -14.61 33.75 -4.32
CA PRO A 102 -15.18 32.50 -3.77
C PRO A 102 -14.77 31.24 -4.54
N TYR A 103 -15.09 30.07 -3.97
CA TYR A 103 -14.71 28.76 -4.54
C TYR A 103 -15.67 28.25 -5.63
N SER A 104 -15.23 28.29 -6.88
CA SER A 104 -16.11 27.96 -8.01
C SER A 104 -16.28 26.46 -8.29
N ILE A 105 -15.33 25.65 -7.82
CA ILE A 105 -15.35 24.21 -8.07
C ILE A 105 -16.47 23.58 -7.26
N PRO A 106 -17.50 23.01 -7.94
CA PRO A 106 -18.70 22.54 -7.27
C PRO A 106 -18.36 21.48 -6.22
N PRO A 107 -19.30 21.25 -5.27
CA PRO A 107 -19.13 20.33 -4.14
C PRO A 107 -19.50 18.88 -4.45
N CYS A 108 -19.20 18.00 -3.50
CA CYS A 108 -19.43 16.56 -3.63
C CYS A 108 -20.49 16.02 -2.69
N GLU A 109 -20.70 16.71 -1.56
CA GLU A 109 -21.79 16.38 -0.65
C GLU A 109 -22.94 17.36 -0.88
N HIS A 110 -24.18 16.85 -0.75
CA HIS A 110 -25.47 17.60 -0.90
C HIS A 110 -26.56 16.96 -1.79
N HIS A 111 -26.18 16.49 -2.98
CA HIS A 111 -27.11 15.94 -3.96
C HIS A 111 -27.27 16.92 -5.16
N VAL A 112 -27.81 18.11 -4.85
CA VAL A 112 -28.24 19.17 -5.84
C VAL A 112 -28.65 18.79 -7.29
N ASN A 113 -29.00 19.82 -8.08
CA ASN A 113 -29.45 19.72 -9.47
C ASN A 113 -30.80 19.03 -9.55
N GLY A 114 -30.72 17.70 -9.62
CA GLY A 114 -31.87 16.85 -9.80
C GLY A 114 -31.22 15.51 -9.96
N SER A 115 -31.33 14.71 -8.90
CA SER A 115 -30.68 13.40 -8.83
C SER A 115 -29.13 13.45 -8.76
N ARG A 116 -28.61 12.91 -7.65
CA ARG A 116 -27.18 12.86 -7.31
C ARG A 116 -26.12 12.70 -8.45
N PRO A 117 -25.41 13.79 -8.79
CA PRO A 117 -24.14 13.71 -9.52
C PRO A 117 -23.20 14.85 -9.03
N PRO A 118 -23.19 15.14 -7.73
CA PRO A 118 -22.90 16.49 -7.19
C PRO A 118 -21.73 17.20 -7.88
N CYS A 119 -20.55 16.60 -7.76
CA CYS A 119 -19.29 17.12 -8.30
C CYS A 119 -19.27 17.11 -9.82
N THR A 120 -18.59 16.10 -10.37
CA THR A 120 -18.71 15.70 -11.78
C THR A 120 -19.24 16.79 -12.70
N GLY A 121 -18.47 17.87 -12.77
CA GLY A 121 -18.91 19.05 -13.48
C GLY A 121 -17.67 19.70 -14.02
N GLU A 122 -17.32 20.87 -13.46
CA GLU A 122 -16.10 21.55 -13.89
C GLU A 122 -14.85 20.74 -13.52
N GLY A 123 -14.58 20.61 -12.22
CA GLY A 123 -13.35 19.95 -11.75
C GLY A 123 -12.22 20.23 -12.73
N ASP A 124 -11.84 21.50 -12.81
CA ASP A 124 -10.69 21.93 -13.60
C ASP A 124 -10.25 23.30 -13.10
N THR A 125 -9.20 23.32 -12.28
CA THR A 125 -8.63 24.57 -11.74
C THR A 125 -8.86 25.75 -12.69
N PRO A 126 -9.65 26.76 -12.27
CA PRO A 126 -9.84 27.93 -13.13
C PRO A 126 -8.56 28.78 -13.14
N LYS A 127 -8.59 29.91 -13.85
CA LYS A 127 -7.41 30.77 -13.91
C LYS A 127 -7.30 31.79 -12.77
N CYS A 128 -6.08 32.25 -12.56
CA CYS A 128 -5.81 33.40 -11.73
C CYS A 128 -6.46 34.62 -12.37
N SER A 129 -7.08 35.43 -11.53
CA SER A 129 -7.83 36.57 -11.98
C SER A 129 -7.81 37.53 -10.83
N LYS A 130 -6.89 38.47 -10.87
CA LYS A 130 -6.75 39.45 -9.83
C LYS A 130 -7.89 40.46 -9.90
N ILE A 131 -9.11 39.91 -9.89
CA ILE A 131 -10.36 40.65 -9.91
C ILE A 131 -11.26 40.01 -8.87
N CYS A 132 -11.98 40.83 -8.09
CA CYS A 132 -13.08 40.31 -7.32
C CYS A 132 -14.19 40.01 -8.28
N GLU A 133 -14.75 38.82 -8.15
CA GLU A 133 -15.93 38.47 -8.90
C GLU A 133 -17.00 39.46 -8.46
N PRO A 134 -17.45 40.33 -9.41
CA PRO A 134 -18.29 41.54 -9.28
C PRO A 134 -19.34 41.62 -8.16
N GLY A 135 -19.52 42.84 -7.64
CA GLY A 135 -20.52 43.12 -6.59
C GLY A 135 -19.88 43.34 -5.22
N TYR A 136 -18.67 42.79 -5.04
CA TYR A 136 -17.91 42.99 -3.84
C TYR A 136 -17.01 44.21 -3.95
N SER A 137 -17.12 45.11 -2.98
CA SER A 137 -16.20 46.23 -2.85
C SER A 137 -15.31 45.99 -1.63
N PRO A 138 -14.03 46.40 -1.69
CA PRO A 138 -13.41 47.13 -2.81
C PRO A 138 -12.70 46.21 -3.83
N THR A 139 -11.47 46.60 -4.18
CA THR A 139 -10.74 46.02 -5.28
C THR A 139 -9.83 44.91 -4.79
N TYR A 140 -9.45 44.02 -5.70
CA TYR A 140 -8.65 42.85 -5.40
C TYR A 140 -7.43 43.22 -4.56
N LYS A 141 -6.53 44.04 -5.10
CA LYS A 141 -5.26 44.24 -4.39
C LYS A 141 -5.39 45.04 -3.11
N GLN A 142 -6.65 45.30 -2.73
CA GLN A 142 -6.93 46.02 -1.50
C GLN A 142 -7.68 45.13 -0.51
N ASP A 143 -8.27 44.03 -0.98
CA ASP A 143 -8.92 43.06 -0.11
C ASP A 143 -7.86 42.10 0.39
N LYS A 144 -6.67 42.25 -0.17
CA LYS A 144 -5.54 41.41 0.12
C LYS A 144 -5.24 41.33 1.63
N HIS A 145 -5.21 40.14 2.21
CA HIS A 145 -4.82 40.00 3.64
C HIS A 145 -3.44 39.35 3.70
N TYR A 146 -2.44 39.96 4.31
CA TYR A 146 -1.09 39.35 4.31
C TYR A 146 -0.65 38.63 5.60
N GLY A 147 0.42 37.84 5.48
CA GLY A 147 0.99 37.13 6.61
C GLY A 147 2.31 37.76 6.95
N TYR A 148 2.71 37.67 8.23
CA TYR A 148 3.97 38.24 8.71
C TYR A 148 5.14 37.28 8.47
N ASN A 149 5.02 36.09 9.05
CA ASN A 149 5.97 35.03 8.83
C ASN A 149 5.14 33.75 8.67
N SER A 150 5.81 32.67 8.28
CA SER A 150 5.19 31.36 8.20
C SER A 150 6.35 30.47 8.56
N TYR A 151 6.05 29.32 9.15
CA TYR A 151 7.12 28.45 9.66
C TYR A 151 6.51 27.09 9.89
N SER A 152 7.37 26.07 9.97
CA SER A 152 6.92 24.77 10.36
C SER A 152 6.90 24.66 11.88
N VAL A 153 6.02 23.80 12.37
CA VAL A 153 5.99 23.51 13.80
C VAL A 153 6.82 22.24 13.95
N SER A 154 7.21 21.93 15.16
CA SER A 154 8.07 20.79 15.34
C SER A 154 7.25 19.51 15.52
N ASN A 155 7.83 18.39 15.11
CA ASN A 155 7.28 17.10 15.47
C ASN A 155 7.47 16.90 16.97
N SER A 156 6.55 17.50 17.72
CA SER A 156 6.50 17.44 19.16
C SER A 156 5.06 17.74 19.51
N GLU A 157 4.54 17.02 20.50
CA GLU A 157 3.15 17.12 20.87
C GLU A 157 2.85 18.49 21.50
N LYS A 158 3.75 18.96 22.37
CA LYS A 158 3.61 20.22 23.12
C LYS A 158 3.75 21.46 22.27
N ASP A 159 4.75 21.51 21.39
CA ASP A 159 4.86 22.67 20.54
C ASP A 159 3.52 22.89 19.81
N ILE A 160 2.93 21.78 19.32
CA ILE A 160 1.65 21.85 18.64
C ILE A 160 0.53 22.37 19.55
N MET A 161 0.41 21.83 20.76
CA MET A 161 -0.57 22.39 21.67
C MET A 161 -0.26 23.87 21.93
N ALA A 162 1.01 24.18 22.10
CA ALA A 162 1.45 25.56 22.34
C ALA A 162 1.27 26.50 21.12
N GLU A 163 1.45 26.00 19.90
CA GLU A 163 1.11 26.82 18.74
C GLU A 163 -0.39 27.06 18.68
N ILE A 164 -1.18 26.05 19.02
CA ILE A 164 -2.64 26.24 18.87
C ILE A 164 -3.22 27.22 19.91
N TYR A 165 -2.86 27.01 21.18
CA TYR A 165 -3.41 27.77 22.30
C TYR A 165 -2.96 29.23 22.24
N LYS A 166 -1.72 29.45 21.83
CA LYS A 166 -1.17 30.80 21.77
C LYS A 166 -1.56 31.59 20.52
N ASN A 167 -1.82 30.93 19.41
CA ASN A 167 -1.97 31.64 18.12
C ASN A 167 -3.16 31.17 17.23
N GLY A 168 -3.82 30.07 17.62
CA GLY A 168 -4.97 29.64 16.86
C GLY A 168 -4.75 28.38 16.02
N PRO A 169 -5.85 27.83 15.46
CA PRO A 169 -5.78 26.65 14.61
C PRO A 169 -4.56 26.67 13.66
N VAL A 170 -4.12 25.51 13.20
CA VAL A 170 -2.93 25.43 12.33
C VAL A 170 -3.23 24.46 11.17
N GLU A 171 -2.26 24.30 10.27
CA GLU A 171 -2.38 23.29 9.23
C GLU A 171 -1.45 22.09 9.49
N GLY A 172 -1.94 20.92 9.11
CA GLY A 172 -1.14 19.71 9.12
C GLY A 172 -1.59 18.80 7.99
N ALA A 173 -0.86 17.67 7.82
CA ALA A 173 -1.20 16.65 6.82
C ALA A 173 -0.91 15.25 7.35
N PHE A 174 -1.69 14.28 6.87
CA PHE A 174 -1.54 12.88 7.25
C PHE A 174 -1.86 11.91 6.08
N SER A 175 -1.66 10.62 6.32
CA SER A 175 -1.90 9.57 5.32
C SER A 175 -3.26 8.92 5.48
N VAL A 176 -4.13 9.05 4.47
CA VAL A 176 -5.38 8.35 4.61
C VAL A 176 -5.36 6.97 4.04
N TYR A 177 -6.12 6.12 4.74
CA TYR A 177 -6.19 4.71 4.58
C TYR A 177 -7.65 4.40 4.61
N SER A 178 -8.11 3.56 3.67
CA SER A 178 -9.52 3.26 3.56
C SER A 178 -10.32 3.17 4.88
N ASP A 179 -9.74 2.67 5.98
CA ASP A 179 -10.52 2.62 7.24
C ASP A 179 -10.92 4.00 7.75
N PHE A 180 -10.33 5.04 7.19
CA PHE A 180 -10.59 6.39 7.64
C PHE A 180 -11.85 7.06 7.06
N LEU A 181 -12.28 6.64 5.87
CA LEU A 181 -13.43 7.24 5.21
C LEU A 181 -14.69 6.74 5.91
N LEU A 182 -14.45 5.72 6.72
CA LEU A 182 -15.47 5.07 7.51
C LEU A 182 -15.75 5.82 8.81
N TYR A 183 -14.90 6.78 9.16
CA TYR A 183 -14.97 7.49 10.45
C TYR A 183 -16.34 8.13 10.75
N LYS A 184 -16.77 7.99 12.01
CA LYS A 184 -17.96 8.66 12.51
C LYS A 184 -17.74 9.32 13.87
N SER A 185 -17.32 8.52 14.86
CA SER A 185 -17.17 8.96 16.25
C SER A 185 -15.84 8.51 16.85
N GLY A 186 -15.59 8.89 18.11
CA GLY A 186 -14.38 8.52 18.84
C GLY A 186 -13.04 9.11 18.38
N VAL A 187 -11.95 8.49 18.81
CA VAL A 187 -10.60 8.84 18.33
C VAL A 187 -10.21 7.82 17.28
N TYR A 188 -10.05 8.29 16.04
CA TYR A 188 -9.59 7.45 14.96
C TYR A 188 -8.19 6.89 15.24
N GLN A 189 -7.93 5.68 14.76
CA GLN A 189 -6.62 5.07 14.87
C GLN A 189 -6.48 4.05 13.76
N HIS A 190 -5.46 4.24 12.94
CA HIS A 190 -5.27 3.42 11.74
C HIS A 190 -4.88 1.96 12.02
N VAL A 191 -5.62 1.05 11.39
CA VAL A 191 -5.45 -0.38 11.59
C VAL A 191 -5.16 -1.18 10.32
N THR A 192 -5.75 -0.80 9.19
CA THR A 192 -5.63 -1.61 7.99
C THR A 192 -5.50 -0.82 6.70
N GLY A 193 -6.46 -1.07 5.80
CA GLY A 193 -6.70 -0.26 4.61
C GLY A 193 -5.63 -0.11 3.54
N GLU A 194 -6.11 0.10 2.32
CA GLU A 194 -5.30 0.54 1.21
C GLU A 194 -4.89 2.00 1.47
N MET A 195 -3.65 2.36 1.10
CA MET A 195 -3.18 3.72 1.20
C MET A 195 -3.90 4.48 0.14
N MET A 196 -4.90 5.28 0.51
CA MET A 196 -5.66 6.03 -0.51
C MET A 196 -4.81 7.15 -1.09
N GLY A 197 -4.21 7.96 -0.21
CA GLY A 197 -3.24 9.00 -0.58
C GLY A 197 -2.99 9.96 0.58
N GLY A 198 -2.22 11.05 0.34
CA GLY A 198 -1.96 12.10 1.35
C GLY A 198 -2.92 13.29 1.37
N HIS A 199 -3.58 13.54 2.52
CA HIS A 199 -4.60 14.59 2.71
C HIS A 199 -4.08 15.68 3.67
N ALA A 200 -4.66 16.89 3.59
CA ALA A 200 -4.28 18.05 4.46
C ALA A 200 -5.53 18.63 5.14
N ILE A 201 -5.38 19.04 6.40
CA ILE A 201 -6.53 19.32 7.27
C ILE A 201 -6.23 20.47 8.25
N ARG A 202 -7.17 20.78 9.15
CA ARG A 202 -6.99 21.87 10.13
C ARG A 202 -7.10 21.38 11.58
N ILE A 203 -6.00 21.47 12.32
CA ILE A 203 -5.99 21.05 13.73
C ILE A 203 -6.27 22.28 14.61
N LEU A 204 -7.20 22.11 15.54
CA LEU A 204 -7.66 23.21 16.35
C LEU A 204 -7.89 22.83 17.80
N GLY A 205 -7.09 21.91 18.33
CA GLY A 205 -7.18 21.63 19.77
C GLY A 205 -6.96 20.21 20.21
N TRP A 206 -7.42 19.90 21.41
CA TRP A 206 -7.07 18.60 22.02
C TRP A 206 -7.92 18.17 23.22
N GLY A 207 -7.67 16.93 23.66
CA GLY A 207 -8.29 16.34 24.84
C GLY A 207 -8.17 14.83 24.80
N VAL A 208 -9.05 14.16 25.55
CA VAL A 208 -9.02 12.71 25.76
C VAL A 208 -10.45 12.11 25.70
N GLU A 209 -10.64 10.98 25.03
CA GLU A 209 -11.88 10.20 25.08
C GLU A 209 -11.52 8.77 25.52
N ASN A 210 -12.20 8.28 26.56
CA ASN A 210 -11.67 7.26 27.48
C ASN A 210 -10.23 7.56 27.88
N GLY A 211 -9.29 6.88 27.25
CA GLY A 211 -7.91 7.05 27.67
C GLY A 211 -7.05 7.69 26.61
N THR A 212 -7.63 7.82 25.42
CA THR A 212 -6.86 8.15 24.22
C THR A 212 -6.69 9.65 24.10
N PRO A 213 -5.43 10.12 23.94
CA PRO A 213 -5.25 11.56 23.75
C PRO A 213 -5.35 11.88 22.28
N TYR A 214 -6.15 12.89 21.91
CA TYR A 214 -6.43 13.12 20.50
C TYR A 214 -6.15 14.56 20.07
N TRP A 215 -6.17 14.80 18.77
CA TRP A 215 -6.18 16.15 18.17
C TRP A 215 -7.56 16.39 17.58
N LEU A 216 -8.13 17.54 17.91
CA LEU A 216 -9.37 18.02 17.28
C LEU A 216 -9.12 18.49 15.85
N VAL A 217 -9.76 17.84 14.89
CA VAL A 217 -9.51 18.20 13.48
C VAL A 217 -10.76 18.45 12.62
N ALA A 218 -10.65 19.49 11.79
CA ALA A 218 -11.68 19.80 10.82
C ALA A 218 -11.28 19.22 9.49
N ASN A 219 -12.08 18.28 9.00
CA ASN A 219 -11.91 17.81 7.64
C ASN A 219 -12.65 18.78 6.73
N SER A 220 -12.30 18.74 5.44
CA SER A 220 -12.78 19.69 4.42
C SER A 220 -13.84 19.11 3.50
N TRP A 221 -14.56 18.08 3.95
CA TRP A 221 -15.48 17.31 3.10
C TRP A 221 -17.00 17.53 3.40
N ASN A 222 -17.38 18.68 3.97
CA ASN A 222 -18.81 18.93 4.32
C ASN A 222 -19.27 18.34 5.69
N THR A 223 -20.53 18.57 6.08
CA THR A 223 -20.98 18.23 7.46
C THR A 223 -21.65 16.87 7.77
N ASP A 224 -21.87 16.01 6.77
CA ASP A 224 -22.45 14.68 7.03
C ASP A 224 -21.37 13.73 7.50
N TRP A 225 -20.26 13.71 6.77
CA TRP A 225 -19.08 12.93 7.15
C TRP A 225 -18.72 13.19 8.58
N GLY A 226 -18.54 12.09 9.31
CA GLY A 226 -17.92 12.11 10.62
C GLY A 226 -18.80 12.81 11.61
N ASP A 227 -18.21 13.78 12.27
CA ASP A 227 -18.80 14.42 13.41
C ASP A 227 -19.14 15.85 13.04
N ASN A 228 -20.18 15.98 12.21
CA ASN A 228 -20.68 17.28 11.72
C ASN A 228 -19.61 18.05 10.96
N GLY A 229 -18.76 17.30 10.25
CA GLY A 229 -17.57 17.83 9.60
C GLY A 229 -16.21 17.39 10.16
N PHE A 230 -16.11 17.27 11.50
CA PHE A 230 -14.84 17.02 12.23
C PHE A 230 -14.59 15.59 12.64
N PHE A 231 -13.33 15.32 12.99
CA PHE A 231 -12.91 14.08 13.60
C PHE A 231 -11.83 14.30 14.66
N LYS A 232 -11.43 13.17 15.27
CA LYS A 232 -10.39 13.10 16.28
C LYS A 232 -9.49 11.97 15.84
N ILE A 233 -8.19 12.21 15.91
CA ILE A 233 -7.22 11.20 15.50
C ILE A 233 -6.24 11.03 16.63
N LEU A 234 -5.64 9.87 16.71
CA LEU A 234 -4.67 9.61 17.79
C LEU A 234 -3.57 10.68 17.80
N ARG A 235 -3.39 11.25 19.00
CA ARG A 235 -2.37 12.27 19.27
C ARG A 235 -1.36 11.69 20.22
N GLY A 236 -0.08 11.84 19.89
CA GLY A 236 1.01 11.34 20.76
C GLY A 236 2.19 10.73 20.03
N GLN A 237 1.89 9.92 19.01
CA GLN A 237 2.88 9.14 18.27
C GLN A 237 3.26 9.64 16.85
N ASP A 238 2.56 10.65 16.31
CA ASP A 238 2.72 11.10 14.90
C ASP A 238 2.02 10.09 14.03
N HIS A 239 0.89 9.63 14.55
CA HIS A 239 0.13 8.55 13.97
C HIS A 239 -0.40 8.93 12.57
N CYS A 240 0.14 8.30 11.52
CA CYS A 240 -0.17 8.61 10.10
C CYS A 240 0.55 9.87 9.59
N GLY A 241 1.47 10.39 10.40
CA GLY A 241 2.25 11.57 10.03
C GLY A 241 1.66 12.92 10.41
N ILE A 242 0.74 12.93 11.37
CA ILE A 242 -0.01 14.15 11.71
C ILE A 242 0.81 15.23 12.48
N GLU A 243 2.04 14.93 12.83
CA GLU A 243 2.82 15.88 13.61
C GLU A 243 3.98 16.32 12.74
N SER A 244 4.24 15.52 11.72
CA SER A 244 5.40 15.67 10.89
C SER A 244 5.24 16.81 9.89
N GLU A 245 4.00 17.27 9.68
CA GLU A 245 3.72 18.25 8.61
C GLU A 245 3.05 19.57 9.06
N VAL A 246 3.21 19.96 10.32
CA VAL A 246 2.47 21.08 10.87
C VAL A 246 3.09 22.39 10.47
N VAL A 247 2.26 23.26 9.91
CA VAL A 247 2.70 24.56 9.46
C VAL A 247 1.68 25.61 9.84
N ALA A 248 2.19 26.78 10.22
CA ALA A 248 1.37 27.92 10.57
C ALA A 248 2.05 29.18 10.10
N GLY A 249 1.53 30.30 10.57
CA GLY A 249 2.04 31.64 10.28
C GLY A 249 1.20 32.65 11.03
N ILE A 250 1.74 33.86 11.15
CA ILE A 250 1.14 34.95 11.94
C ILE A 250 0.71 36.12 11.03
N PRO A 251 -0.58 36.56 11.14
CA PRO A 251 -1.17 37.57 10.25
C PRO A 251 -0.50 38.96 10.33
N ARG A 252 -0.35 39.62 9.17
CA ARG A 252 0.31 40.91 9.12
C ARG A 252 -0.68 42.04 9.42
N THR A 253 -0.16 43.10 10.03
CA THR A 253 -0.93 44.26 10.55
C THR A 253 -1.39 44.06 12.01
N ASP A 254 -2.00 42.92 12.30
CA ASP A 254 -2.48 42.56 13.64
C ASP A 254 -2.12 41.15 14.08
N MET B 1 3.95 11.47 0.73
CA MET B 1 2.71 11.86 1.49
C MET B 1 2.09 13.12 0.89
N ILE B 2 2.24 13.29 -0.43
CA ILE B 2 1.68 14.39 -1.22
C ILE B 2 0.20 14.68 -0.92
N PRO B 3 -0.07 15.78 -0.21
CA PRO B 3 -1.34 16.04 0.42
C PRO B 3 -2.44 16.47 -0.52
N GLY B 4 -2.63 15.76 -1.61
CA GLY B 4 -3.73 16.04 -2.51
C GLY B 4 -3.49 15.37 -3.85
N GLY B 5 -2.36 14.66 -3.92
CA GLY B 5 -1.93 14.00 -5.13
C GLY B 5 -2.55 12.62 -5.25
N LEU B 6 -2.15 11.88 -6.27
CA LEU B 6 -2.63 10.51 -6.44
C LEU B 6 -1.60 9.54 -5.85
N SER B 7 -2.12 8.47 -5.26
CA SER B 7 -1.32 7.41 -4.72
C SER B 7 -0.43 6.82 -5.80
N GLU B 8 0.72 6.24 -5.44
CA GLU B 8 1.47 5.42 -6.42
C GLU B 8 0.55 4.37 -7.05
N ALA B 9 0.99 3.74 -8.13
CA ALA B 9 0.12 2.83 -8.88
C ALA B 9 -0.08 1.49 -8.19
N LYS B 10 -1.28 0.92 -8.32
CA LYS B 10 -1.61 -0.40 -7.77
C LYS B 10 -2.18 -1.34 -8.86
N PRO B 11 -1.67 -2.58 -8.93
CA PRO B 11 -2.22 -3.54 -9.89
C PRO B 11 -3.73 -3.56 -9.74
N ALA B 12 -4.47 -3.67 -10.85
CA ALA B 12 -5.93 -3.61 -10.77
C ALA B 12 -6.45 -4.78 -9.97
N THR B 13 -7.67 -4.64 -9.47
CA THR B 13 -8.41 -5.74 -8.86
C THR B 13 -9.84 -5.70 -9.37
N PRO B 14 -10.66 -6.70 -9.00
CA PRO B 14 -12.09 -6.80 -9.31
C PRO B 14 -12.98 -5.67 -8.77
N GLU B 15 -12.53 -4.97 -7.73
CA GLU B 15 -13.26 -3.79 -7.27
C GLU B 15 -13.13 -2.70 -8.34
N ILE B 16 -11.87 -2.39 -8.68
CA ILE B 16 -11.55 -1.45 -9.74
C ILE B 16 -12.21 -1.92 -11.02
N GLN B 17 -12.41 -3.23 -11.12
CA GLN B 17 -13.13 -3.85 -12.23
C GLN B 17 -14.65 -3.66 -12.14
N GLU B 18 -15.22 -3.70 -10.94
CA GLU B 18 -16.67 -3.48 -10.78
C GLU B 18 -17.04 -2.04 -11.18
N ILE B 19 -16.09 -1.12 -10.97
CA ILE B 19 -16.26 0.26 -11.35
C ILE B 19 -16.36 0.39 -12.87
N VAL B 20 -15.31 -0.06 -13.57
CA VAL B 20 -15.23 0.09 -15.01
C VAL B 20 -16.51 -0.47 -15.68
N ASP B 21 -17.08 -1.50 -15.07
CA ASP B 21 -18.33 -2.08 -15.56
C ASP B 21 -19.58 -1.27 -15.16
N LYS B 22 -19.58 -0.73 -13.94
CA LYS B 22 -20.69 0.11 -13.45
C LYS B 22 -20.79 1.45 -14.21
N VAL B 23 -19.65 1.93 -14.70
CA VAL B 23 -19.60 3.18 -15.43
C VAL B 23 -19.40 2.89 -16.92
N LYS B 24 -19.42 1.61 -17.25
CA LYS B 24 -19.42 1.17 -18.64
C LYS B 24 -20.54 1.93 -19.37
N PRO B 25 -21.81 1.75 -18.93
CA PRO B 25 -22.88 2.42 -19.65
C PRO B 25 -22.59 3.90 -19.82
N GLN B 26 -22.01 4.52 -18.80
CA GLN B 26 -21.72 5.95 -18.84
C GLN B 26 -20.65 6.35 -19.87
N LEU B 27 -19.64 5.51 -20.08
CA LEU B 27 -18.59 5.83 -21.08
C LEU B 27 -19.13 5.55 -22.48
N GLU B 28 -20.03 4.58 -22.51
CA GLU B 28 -20.67 4.10 -23.73
C GLU B 28 -21.34 5.22 -24.50
N GLU B 29 -22.20 5.98 -23.82
CA GLU B 29 -23.00 7.02 -24.45
C GLU B 29 -22.21 8.29 -24.81
N LYS B 30 -21.05 8.48 -24.17
CA LYS B 30 -20.25 9.68 -24.40
C LYS B 30 -19.38 9.57 -25.64
N THR B 31 -18.80 8.39 -25.85
CA THR B 31 -18.09 8.12 -27.08
C THR B 31 -19.02 7.51 -28.13
N ASN B 32 -20.22 7.10 -27.69
CA ASN B 32 -21.20 6.50 -28.57
C ASN B 32 -20.81 5.08 -29.03
N GLU B 33 -19.62 4.64 -28.63
CA GLU B 33 -19.05 3.31 -28.96
C GLU B 33 -19.69 2.17 -28.17
N THR B 34 -19.37 0.93 -28.55
CA THR B 34 -19.78 -0.29 -27.83
C THR B 34 -18.62 -1.29 -27.63
N TYR B 35 -18.23 -1.46 -26.36
CA TYR B 35 -17.11 -2.33 -25.98
C TYR B 35 -17.61 -3.63 -25.38
N GLY B 36 -16.94 -4.72 -25.73
CA GLY B 36 -17.25 -6.02 -25.16
C GLY B 36 -16.87 -6.11 -23.71
N LYS B 37 -15.87 -5.32 -23.34
CA LYS B 37 -15.37 -5.25 -21.97
C LYS B 37 -14.20 -4.30 -21.91
N LEU B 38 -14.31 -3.34 -21.00
CA LEU B 38 -13.20 -2.55 -20.56
C LEU B 38 -12.44 -3.33 -19.52
N GLU B 39 -11.15 -3.47 -19.75
CA GLU B 39 -10.31 -4.28 -18.88
C GLU B 39 -9.22 -3.47 -18.18
N ALA B 40 -9.47 -3.18 -16.91
CA ALA B 40 -8.57 -2.39 -16.09
C ALA B 40 -7.28 -3.14 -15.77
N VAL B 41 -6.16 -2.43 -15.75
CA VAL B 41 -4.89 -3.07 -15.43
C VAL B 41 -4.15 -2.31 -14.33
N GLN B 42 -4.20 -0.99 -14.40
CA GLN B 42 -3.47 -0.11 -13.51
C GLN B 42 -4.49 0.84 -12.88
N TYR B 43 -4.19 1.34 -11.68
CA TYR B 43 -4.97 2.45 -11.13
C TYR B 43 -4.29 3.31 -10.04
N LYS B 44 -4.69 4.57 -9.96
CA LYS B 44 -4.37 5.36 -8.77
C LYS B 44 -5.63 5.91 -8.07
N THR B 45 -5.50 6.07 -6.76
CA THR B 45 -6.55 6.72 -6.00
C THR B 45 -6.07 8.09 -5.52
N GLN B 46 -6.99 8.89 -5.02
CA GLN B 46 -6.66 10.24 -4.60
C GLN B 46 -7.72 10.70 -3.63
N VAL B 47 -7.30 11.39 -2.58
CA VAL B 47 -8.28 11.86 -1.63
C VAL B 47 -8.74 13.25 -2.01
N VAL B 48 -10.03 13.30 -2.31
CA VAL B 48 -10.80 14.49 -2.43
C VAL B 48 -11.92 14.25 -1.41
N ALA B 49 -12.97 15.07 -1.44
CA ALA B 49 -14.19 14.84 -0.65
C ALA B 49 -14.99 13.65 -1.20
N GLY B 50 -14.31 12.52 -1.23
CA GLY B 50 -14.68 11.29 -1.93
C GLY B 50 -13.33 10.77 -2.40
N THR B 51 -13.31 9.65 -3.12
CA THR B 51 -12.06 9.27 -3.78
C THR B 51 -12.22 9.29 -5.28
N ASN B 52 -11.29 9.94 -5.99
CA ASN B 52 -11.22 9.78 -7.46
C ASN B 52 -10.36 8.58 -7.83
N TYR B 53 -10.82 7.78 -8.78
CA TYR B 53 -10.03 6.70 -9.35
C TYR B 53 -9.50 7.01 -10.75
N TYR B 54 -8.18 6.90 -10.93
CA TYR B 54 -7.57 7.01 -12.25
C TYR B 54 -7.21 5.65 -12.87
N ILE B 55 -8.18 5.02 -13.50
CA ILE B 55 -8.04 3.65 -14.00
C ILE B 55 -7.51 3.57 -15.43
N LYS B 56 -6.66 2.59 -15.69
CA LYS B 56 -6.12 2.28 -17.01
C LYS B 56 -6.85 1.08 -17.61
N VAL B 57 -7.78 1.33 -18.53
CA VAL B 57 -8.49 0.22 -19.20
C VAL B 57 -7.99 -0.14 -20.62
N ARG B 58 -8.17 -1.40 -21.01
CA ARG B 58 -7.90 -1.84 -22.38
C ARG B 58 -9.19 -1.86 -23.22
N ALA B 59 -9.10 -1.32 -24.43
CA ALA B 59 -10.22 -1.28 -25.36
C ALA B 59 -10.16 -2.41 -26.41
N GLY B 60 -9.89 -2.04 -27.68
CA GLY B 60 -9.92 -3.00 -28.78
C GLY B 60 -8.57 -3.62 -29.11
N ASP B 61 -7.72 -2.82 -29.75
CA ASP B 61 -6.45 -3.31 -30.26
C ASP B 61 -5.40 -3.34 -29.16
N ASN B 62 -4.16 -2.94 -29.47
CA ASN B 62 -3.18 -2.80 -28.42
C ASN B 62 -2.82 -1.37 -28.13
N LYS B 63 -3.79 -0.70 -27.53
CA LYS B 63 -3.66 0.65 -27.04
C LYS B 63 -4.65 0.75 -25.87
N TYR B 64 -4.20 1.35 -24.77
CA TYR B 64 -5.04 1.46 -23.59
C TYR B 64 -5.82 2.79 -23.50
N MET B 65 -6.68 2.91 -22.49
CA MET B 65 -7.52 4.09 -22.28
C MET B 65 -7.59 4.46 -20.77
N HIS B 66 -7.65 5.75 -20.47
CA HIS B 66 -7.63 6.26 -19.08
C HIS B 66 -8.99 6.78 -18.60
N LEU B 67 -9.31 6.59 -17.31
CA LEU B 67 -10.63 6.94 -16.80
C LEU B 67 -10.63 7.49 -15.37
N LYS B 68 -11.14 8.71 -15.20
CA LYS B 68 -11.30 9.33 -13.91
C LYS B 68 -12.72 9.04 -13.43
N VAL B 69 -12.85 8.28 -12.35
CA VAL B 69 -14.17 8.04 -11.80
C VAL B 69 -14.19 8.56 -10.38
N PHE B 70 -15.14 9.47 -10.11
CA PHE B 70 -15.43 9.84 -8.73
C PHE B 70 -16.23 8.73 -8.05
N LYS B 71 -15.88 8.48 -6.79
CA LYS B 71 -16.48 7.45 -5.99
C LYS B 71 -16.92 8.11 -4.70
N SER B 72 -18.20 8.02 -4.43
CA SER B 72 -18.81 8.67 -3.29
C SER B 72 -18.19 8.20 -1.97
N LEU B 73 -18.68 8.78 -0.89
CA LEU B 73 -18.15 8.55 0.42
C LEU B 73 -19.24 7.73 1.12
N PRO B 74 -18.85 6.76 1.96
CA PRO B 74 -19.83 5.90 2.61
C PRO B 74 -21.12 6.66 2.99
N GLY B 75 -20.94 7.83 3.61
CA GLY B 75 -22.07 8.64 4.09
C GLY B 75 -23.16 8.78 3.03
N GLN B 76 -22.83 9.58 2.01
CA GLN B 76 -23.72 9.82 0.88
C GLN B 76 -24.34 8.53 0.30
N ASN B 77 -23.47 7.57 -0.01
CA ASN B 77 -23.82 6.29 -0.66
C ASN B 77 -22.66 5.83 -1.55
N GLU B 78 -22.79 4.64 -2.14
CA GLU B 78 -21.82 4.16 -3.12
C GLU B 78 -22.31 4.57 -4.51
N ASP B 79 -21.71 5.65 -5.01
CA ASP B 79 -22.01 6.15 -6.33
C ASP B 79 -20.87 5.75 -7.25
N LEU B 80 -20.51 6.64 -8.17
CA LEU B 80 -19.64 6.35 -9.27
C LEU B 80 -20.12 7.25 -10.36
N VAL B 81 -19.19 7.75 -11.16
CA VAL B 81 -19.55 8.52 -12.33
C VAL B 81 -18.31 8.89 -13.12
N LEU B 82 -18.38 8.64 -14.43
CA LEU B 82 -17.37 9.12 -15.32
C LEU B 82 -17.39 10.62 -15.20
N THR B 83 -16.23 11.18 -14.85
CA THR B 83 -16.12 12.61 -14.77
C THR B 83 -15.25 13.07 -15.92
N GLY B 84 -14.58 12.11 -16.55
CA GLY B 84 -13.58 12.42 -17.57
C GLY B 84 -12.88 11.16 -18.00
N TYR B 85 -12.92 10.90 -19.32
CA TYR B 85 -12.21 9.79 -19.93
C TYR B 85 -10.97 10.34 -20.59
N GLN B 86 -10.30 9.51 -21.37
CA GLN B 86 -9.06 9.89 -22.04
C GLN B 86 -8.77 8.84 -23.10
N VAL B 87 -9.73 8.72 -24.04
CA VAL B 87 -9.66 7.75 -25.16
C VAL B 87 -8.45 8.01 -26.09
N ASP B 88 -8.04 6.95 -26.78
CA ASP B 88 -6.89 6.97 -27.68
C ASP B 88 -5.59 7.31 -26.93
N LYS B 89 -5.24 6.43 -25.98
CA LYS B 89 -3.99 6.58 -25.21
C LYS B 89 -3.03 5.42 -25.43
N ASN B 90 -1.81 5.57 -24.92
CA ASN B 90 -0.76 4.64 -25.27
C ASN B 90 -0.74 3.38 -24.43
N LYS B 91 -0.07 2.36 -24.95
CA LYS B 91 0.11 1.11 -24.23
C LYS B 91 0.80 1.35 -22.88
N ASP B 92 1.84 2.18 -22.89
CA ASP B 92 2.63 2.44 -21.67
C ASP B 92 2.82 3.92 -21.27
N ASP B 93 1.75 4.47 -20.72
CA ASP B 93 1.76 5.80 -20.12
C ASP B 93 1.68 5.62 -18.61
N GLU B 94 2.29 6.55 -17.87
CA GLU B 94 2.08 6.62 -16.44
C GLU B 94 0.65 7.13 -16.28
N LEU B 95 -0.05 6.70 -15.24
CA LEU B 95 -1.34 7.32 -14.93
C LEU B 95 -1.04 8.68 -14.36
N THR B 96 -1.66 9.71 -14.92
CA THR B 96 -1.30 11.06 -14.60
C THR B 96 -2.53 11.87 -14.24
N GLY B 97 -2.41 12.73 -13.24
CA GLY B 97 -3.55 13.50 -12.77
C GLY B 97 -4.18 14.29 -13.90
N PHE B 98 -5.47 14.07 -14.14
CA PHE B 98 -6.18 14.90 -15.12
C PHE B 98 -7.56 15.40 -14.67
N LEU C 1 6.09 -23.45 -28.65
CA LEU C 1 5.56 -23.44 -30.06
C LEU C 1 4.04 -23.27 -30.14
N PRO C 2 3.29 -23.59 -29.06
CA PRO C 2 1.86 -23.18 -29.10
C PRO C 2 1.65 -21.72 -28.65
N ALA C 3 0.40 -21.30 -28.45
CA ALA C 3 0.07 -19.88 -28.20
C ALA C 3 -0.18 -19.58 -26.73
N SER C 4 -0.86 -20.51 -26.07
CA SER C 4 -1.00 -20.45 -24.63
C SER C 4 -0.94 -21.87 -24.14
N PHE C 5 -0.26 -22.05 -23.02
CA PHE C 5 -0.05 -23.35 -22.45
C PHE C 5 -0.21 -23.30 -20.94
N ASP C 6 -0.87 -24.34 -20.41
CA ASP C 6 -1.20 -24.46 -19.00
C ASP C 6 -0.97 -25.93 -18.52
N ALA C 7 0.08 -26.11 -17.72
CA ALA C 7 0.44 -27.44 -17.25
C ALA C 7 -0.64 -28.11 -16.39
N ARG C 8 -1.54 -27.33 -15.79
CA ARG C 8 -2.71 -27.93 -15.10
C ARG C 8 -3.70 -28.58 -16.05
N GLU C 9 -3.71 -28.13 -17.31
CA GLU C 9 -4.58 -28.64 -18.36
C GLU C 9 -3.91 -29.84 -19.07
N GLN C 10 -2.64 -29.67 -19.46
CA GLN C 10 -1.88 -30.75 -20.11
C GLN C 10 -1.62 -32.02 -19.28
N TRP C 11 -1.55 -31.91 -17.96
CA TRP C 11 -1.39 -33.08 -17.15
C TRP C 11 -2.36 -33.00 -16.05
N PRO C 12 -3.66 -33.11 -16.37
CA PRO C 12 -4.61 -32.92 -15.29
C PRO C 12 -4.59 -34.08 -14.31
N GLN C 13 -3.85 -35.14 -14.61
CA GLN C 13 -3.77 -36.33 -13.75
C GLN C 13 -2.75 -36.19 -12.66
N CYS C 14 -1.97 -35.12 -12.71
CA CYS C 14 -0.90 -34.89 -11.75
C CYS C 14 -1.31 -33.80 -10.72
N PRO C 15 -1.95 -34.19 -9.61
CA PRO C 15 -2.48 -33.21 -8.65
C PRO C 15 -1.51 -32.08 -8.35
N THR C 16 -0.24 -32.45 -8.19
CA THR C 16 0.85 -31.59 -7.76
C THR C 16 1.04 -30.28 -8.61
N ILE C 17 0.58 -30.29 -9.86
CA ILE C 17 0.71 -29.12 -10.72
C ILE C 17 -0.34 -28.03 -10.43
N LYS C 18 -1.38 -28.39 -9.67
CA LYS C 18 -2.45 -27.42 -9.38
C LYS C 18 -2.52 -27.09 -7.90
N GLU C 19 -1.54 -27.59 -7.15
CA GLU C 19 -1.41 -27.36 -5.72
C GLU C 19 -0.65 -26.08 -5.41
N ILE C 20 -1.05 -25.43 -4.33
CA ILE C 20 -0.41 -24.22 -3.85
C ILE C 20 -0.10 -24.40 -2.38
N ARG C 21 1.17 -24.24 -2.04
CA ARG C 21 1.67 -24.49 -0.71
C ARG C 21 1.91 -23.14 0.00
N ASP C 22 1.75 -23.09 1.33
CA ASP C 22 2.10 -21.91 2.16
C ASP C 22 3.48 -22.07 2.80
N GLN C 23 4.41 -21.18 2.52
CA GLN C 23 5.78 -21.29 3.07
C GLN C 23 5.89 -20.90 4.54
N GLY C 24 4.92 -20.16 5.03
CA GLY C 24 5.00 -19.69 6.38
C GLY C 24 5.73 -18.38 6.48
N SER C 25 6.80 -18.33 7.28
CA SER C 25 7.39 -17.03 7.59
C SER C 25 8.89 -17.03 7.46
N CYS C 26 9.40 -17.96 6.65
CA CYS C 26 10.81 -17.93 6.30
C CYS C 26 11.08 -18.10 4.83
N GLY C 27 12.29 -17.71 4.42
CA GLY C 27 12.65 -17.57 3.02
C GLY C 27 12.81 -18.83 2.18
N SER C 28 12.12 -19.90 2.57
CA SER C 28 12.11 -21.20 1.88
C SER C 28 11.51 -21.20 0.46
N CYS C 29 11.29 -20.01 -0.12
CA CYS C 29 10.78 -19.93 -1.49
C CYS C 29 11.73 -20.64 -2.47
N TRP C 30 13.02 -20.32 -2.41
CA TRP C 30 14.08 -20.96 -3.22
C TRP C 30 13.98 -22.49 -3.18
N ALA C 31 13.48 -23.00 -2.05
CA ALA C 31 13.30 -24.41 -1.80
C ALA C 31 11.95 -24.92 -2.30
N PHE C 32 10.86 -24.20 -1.98
CA PHE C 32 9.50 -24.47 -2.56
C PHE C 32 9.42 -24.47 -4.08
N GLY C 33 9.96 -23.46 -4.74
CA GLY C 33 10.00 -23.43 -6.22
C GLY C 33 10.63 -24.70 -6.78
N ALA C 34 11.71 -25.15 -6.15
CA ALA C 34 12.42 -26.33 -6.57
C ALA C 34 11.59 -27.61 -6.37
N VAL C 35 11.13 -27.84 -5.13
CA VAL C 35 10.40 -29.08 -4.80
C VAL C 35 9.10 -29.15 -5.57
N GLU C 36 8.36 -28.03 -5.55
CA GLU C 36 7.13 -27.92 -6.33
C GLU C 36 7.37 -28.34 -7.78
N ALA C 37 8.35 -27.72 -8.44
CA ALA C 37 8.56 -28.02 -9.85
C ALA C 37 9.07 -29.46 -10.04
N ILE C 38 9.99 -29.90 -9.19
CA ILE C 38 10.49 -31.28 -9.22
C ILE C 38 9.34 -32.29 -9.08
N SER C 39 8.39 -32.03 -8.19
CA SER C 39 7.22 -32.87 -8.02
C SER C 39 6.44 -33.02 -9.29
N ASP C 40 6.20 -31.92 -9.99
CA ASP C 40 5.52 -31.98 -11.30
C ASP C 40 6.22 -32.85 -12.32
N ARG C 41 7.53 -32.71 -12.42
CA ARG C 41 8.28 -33.45 -13.43
C ARG C 41 8.30 -34.94 -13.13
N ILE C 42 8.52 -35.30 -11.87
CA ILE C 42 8.45 -36.69 -11.47
C ILE C 42 7.14 -37.32 -11.99
N CYS C 43 6.01 -36.67 -11.74
CA CYS C 43 4.73 -37.13 -12.30
C CYS C 43 4.69 -37.05 -13.83
N ILE C 44 5.29 -36.02 -14.45
CA ILE C 44 5.25 -35.95 -15.93
C ILE C 44 6.03 -37.08 -16.60
N HIS C 45 7.28 -37.26 -16.21
CA HIS C 45 8.17 -38.28 -16.80
C HIS C 45 7.88 -39.73 -16.34
N THR C 46 6.83 -39.95 -15.57
CA THR C 46 6.39 -41.29 -15.21
C THR C 46 4.99 -41.52 -15.75
N ASN C 47 4.50 -40.56 -16.53
CA ASN C 47 3.12 -40.59 -17.03
C ASN C 47 2.12 -40.78 -15.89
N ALA C 48 2.36 -40.07 -14.80
CA ALA C 48 1.51 -40.14 -13.61
C ALA C 48 1.58 -41.43 -12.78
N HIS C 49 2.51 -42.31 -13.09
CA HIS C 49 2.59 -43.50 -12.25
C HIS C 49 3.15 -43.18 -10.86
N VAL C 50 3.98 -42.14 -10.77
CA VAL C 50 4.53 -41.69 -9.50
C VAL C 50 3.97 -40.29 -9.23
N SER C 51 3.11 -40.16 -8.21
CA SER C 51 2.60 -38.86 -7.84
C SER C 51 3.00 -38.54 -6.43
N VAL C 52 3.90 -37.58 -6.26
CA VAL C 52 4.37 -37.21 -4.93
C VAL C 52 4.51 -35.68 -4.76
N GLU C 53 4.35 -35.23 -3.53
CA GLU C 53 4.79 -33.91 -3.15
C GLU C 53 6.20 -34.08 -2.59
N VAL C 54 7.20 -33.78 -3.40
CA VAL C 54 8.57 -33.88 -2.93
C VAL C 54 8.81 -32.98 -1.69
N SER C 55 9.56 -33.49 -0.72
CA SER C 55 9.77 -32.79 0.56
C SER C 55 10.59 -31.45 0.56
N ALA C 56 9.94 -30.41 1.07
CA ALA C 56 10.60 -29.13 1.37
C ALA C 56 11.47 -29.18 2.64
N GLU C 57 10.90 -29.68 3.75
CA GLU C 57 11.67 -29.94 4.98
C GLU C 57 13.02 -30.63 4.71
N ASP C 58 13.02 -31.61 3.80
CA ASP C 58 14.23 -32.34 3.44
C ASP C 58 15.27 -31.48 2.73
N LEU C 59 14.84 -30.79 1.69
CA LEU C 59 15.73 -29.95 0.90
C LEU C 59 16.26 -28.87 1.81
N LEU C 60 15.38 -28.36 2.64
CA LEU C 60 15.72 -27.25 3.50
C LEU C 60 16.78 -27.67 4.53
N THR C 61 16.46 -28.73 5.27
CA THR C 61 17.24 -29.08 6.46
C THR C 61 18.51 -29.87 6.12
N CYS C 62 18.40 -30.83 5.20
CA CYS C 62 19.53 -31.69 4.88
C CYS C 62 20.45 -31.16 3.78
N CYS C 63 19.94 -30.42 2.79
CA CYS C 63 20.89 -29.65 2.03
C CYS C 63 21.47 -28.60 2.95
N GLY C 64 20.62 -28.11 3.85
CA GLY C 64 20.95 -27.12 4.87
C GLY C 64 21.86 -26.03 4.38
N SER C 65 23.05 -26.01 4.98
CA SER C 65 24.08 -25.00 4.73
C SER C 65 24.59 -25.01 3.30
N MET C 66 24.52 -26.17 2.67
CA MET C 66 25.13 -26.33 1.36
C MET C 66 24.39 -25.54 0.28
N CYS C 67 23.13 -25.18 0.53
CA CYS C 67 22.24 -24.51 -0.43
C CYS C 67 21.72 -23.12 0.04
N GLY C 68 22.48 -22.41 0.85
CA GLY C 68 22.03 -21.13 1.37
C GLY C 68 21.87 -21.05 2.88
N ASP C 69 21.07 -20.11 3.35
CA ASP C 69 20.94 -19.93 4.79
C ASP C 69 19.55 -20.28 5.33
N GLY C 70 18.98 -21.37 4.83
CA GLY C 70 17.72 -21.91 5.34
C GLY C 70 16.58 -20.94 5.20
N CYS C 71 15.93 -20.68 6.33
CA CYS C 71 14.78 -19.77 6.41
C CYS C 71 15.13 -18.30 6.14
N ASN C 72 16.41 -18.04 5.85
CA ASN C 72 16.92 -16.70 5.56
C ASN C 72 17.31 -16.54 4.08
N GLY C 73 16.78 -17.46 3.26
CA GLY C 73 17.04 -17.46 1.82
C GLY C 73 18.01 -18.52 1.36
N GLY C 74 18.09 -18.67 0.03
CA GLY C 74 18.94 -19.69 -0.58
C GLY C 74 19.10 -19.66 -2.09
N TYR C 75 19.94 -20.56 -2.60
CA TYR C 75 20.33 -20.61 -4.01
C TYR C 75 19.64 -21.74 -4.81
N PRO C 76 18.49 -21.46 -5.44
CA PRO C 76 17.65 -22.46 -6.09
C PRO C 76 18.39 -23.32 -7.12
N ALA C 77 19.44 -22.79 -7.71
CA ALA C 77 20.30 -23.57 -8.59
C ALA C 77 20.88 -24.74 -7.81
N GLU C 78 21.38 -24.43 -6.61
CA GLU C 78 21.93 -25.42 -5.71
C GLU C 78 20.93 -26.48 -5.35
N ALA C 79 19.71 -26.06 -4.99
CA ALA C 79 18.61 -27.03 -4.71
C ALA C 79 18.41 -28.12 -5.81
N TRP C 80 18.53 -27.76 -7.09
CA TRP C 80 18.39 -28.77 -8.12
C TRP C 80 19.58 -29.72 -8.15
N ASN C 81 20.76 -29.21 -7.82
CA ASN C 81 21.99 -30.03 -7.70
C ASN C 81 21.94 -31.14 -6.68
N PHE C 82 21.38 -30.81 -5.53
CA PHE C 82 21.36 -31.68 -4.38
C PHE C 82 20.45 -32.86 -4.74
N TRP C 83 19.29 -32.56 -5.31
CA TRP C 83 18.43 -33.55 -5.97
C TRP C 83 19.25 -34.50 -6.85
N THR C 84 20.21 -33.97 -7.59
CA THR C 84 21.02 -34.79 -8.49
C THR C 84 22.04 -35.57 -7.68
N ARG C 85 22.44 -35.03 -6.55
CA ARG C 85 23.45 -35.70 -5.75
C ARG C 85 22.76 -36.67 -4.80
N LYS C 86 22.15 -36.15 -3.76
CA LYS C 86 21.56 -36.98 -2.72
C LYS C 86 20.05 -37.09 -2.73
N GLY C 87 19.39 -36.54 -3.74
CA GLY C 87 17.94 -36.65 -3.86
C GLY C 87 17.11 -36.11 -2.69
N LEU C 88 15.81 -36.39 -2.73
CA LEU C 88 14.85 -35.89 -1.77
C LEU C 88 13.75 -36.91 -1.53
N VAL C 89 13.17 -36.91 -0.34
CA VAL C 89 12.04 -37.79 -0.01
C VAL C 89 10.71 -37.04 -0.24
N SER C 90 9.64 -37.42 0.46
CA SER C 90 8.31 -36.88 0.17
C SER C 90 7.61 -36.18 1.35
N GLY C 91 6.55 -35.42 1.04
CA GLY C 91 5.67 -34.75 2.03
C GLY C 91 4.18 -34.92 1.70
N GLY C 92 3.91 -35.56 0.56
CA GLY C 92 2.58 -36.05 0.15
C GLY C 92 2.83 -37.21 -0.82
N LEU C 93 2.07 -38.30 -0.72
CA LEU C 93 2.24 -39.47 -1.61
C LEU C 93 0.93 -40.04 -2.23
N TYR C 94 1.02 -40.51 -3.48
CA TYR C 94 -0.14 -41.02 -4.25
C TYR C 94 -0.90 -42.18 -3.59
N GLU C 95 -2.23 -42.12 -3.72
CA GLU C 95 -3.22 -42.79 -2.84
C GLU C 95 -3.25 -42.12 -1.46
N SER C 96 -2.90 -40.84 -1.45
CA SER C 96 -3.16 -39.92 -0.34
C SER C 96 -2.76 -40.44 1.04
N HIS C 97 -1.48 -40.75 1.21
CA HIS C 97 -1.01 -40.97 2.55
C HIS C 97 0.08 -39.96 2.85
N VAL C 98 0.19 -39.60 4.12
CA VAL C 98 1.17 -38.60 4.58
C VAL C 98 2.61 -39.01 4.26
N GLY C 99 3.35 -38.06 3.70
CA GLY C 99 4.71 -38.26 3.24
C GLY C 99 5.77 -38.54 4.28
N CYS C 100 7.00 -38.63 3.79
CA CYS C 100 8.17 -38.93 4.59
C CYS C 100 8.50 -37.78 5.52
N ARG C 101 8.88 -36.63 4.93
CA ARG C 101 9.15 -35.39 5.72
C ARG C 101 8.30 -34.13 5.30
N PRO C 102 7.11 -33.99 5.91
CA PRO C 102 6.20 -32.86 5.70
C PRO C 102 6.73 -31.53 6.27
N TYR C 103 6.12 -30.41 5.87
CA TYR C 103 6.56 -29.09 6.31
C TYR C 103 6.08 -28.87 7.74
N SER C 104 7.03 -28.53 8.61
CA SER C 104 6.74 -28.31 10.04
C SER C 104 6.88 -26.86 10.47
N ILE C 105 7.32 -25.98 9.55
CA ILE C 105 7.30 -24.54 9.81
C ILE C 105 5.86 -24.06 9.64
N PRO C 106 5.25 -23.55 10.74
CA PRO C 106 3.85 -23.13 10.75
C PRO C 106 3.42 -22.23 9.56
N PRO C 107 2.16 -22.42 9.09
CA PRO C 107 1.50 -21.68 7.98
C PRO C 107 1.24 -20.21 8.29
N CYS C 108 1.19 -19.40 7.25
CA CYS C 108 1.14 -17.96 7.45
C CYS C 108 -0.23 -17.36 7.15
N GLU C 109 -0.98 -18.00 6.27
CA GLU C 109 -2.25 -17.44 5.81
C GLU C 109 -3.46 -18.37 6.06
N HIS C 110 -4.00 -18.32 7.29
CA HIS C 110 -5.32 -18.92 7.57
C HIS C 110 -6.01 -18.55 8.90
N HIS C 111 -5.55 -17.48 9.56
CA HIS C 111 -6.19 -16.99 10.81
C HIS C 111 -6.05 -18.05 11.92
N VAL C 112 -4.86 -18.66 12.00
CA VAL C 112 -4.59 -19.84 12.83
C VAL C 112 -5.04 -19.81 14.32
N ASN C 113 -5.23 -21.00 14.89
CA ASN C 113 -5.44 -21.26 16.35
C ASN C 113 -6.81 -20.87 16.92
N GLY C 114 -7.77 -20.58 16.05
CA GLY C 114 -9.07 -20.07 16.49
C GLY C 114 -9.02 -18.59 16.85
N SER C 115 -8.22 -17.83 16.08
CA SER C 115 -8.07 -16.37 16.25
C SER C 115 -6.66 -15.87 15.87
N ARG C 116 -6.55 -15.35 14.64
CA ARG C 116 -5.29 -14.91 14.01
C ARG C 116 -3.94 -15.30 14.68
N PRO C 117 -3.20 -14.34 15.29
CA PRO C 117 -1.74 -14.47 15.34
C PRO C 117 -1.19 -15.79 14.73
N PRO C 118 -0.96 -15.80 13.40
CA PRO C 118 -0.62 -17.03 12.69
C PRO C 118 0.88 -17.34 12.77
N CYS C 119 1.37 -18.13 11.81
CA CYS C 119 2.79 -18.15 11.35
C CYS C 119 3.85 -18.08 12.44
N THR C 120 3.70 -17.06 13.28
CA THR C 120 4.65 -16.63 14.29
C THR C 120 4.64 -17.49 15.55
N GLY C 121 4.62 -18.80 15.36
CA GLY C 121 4.94 -19.72 16.43
C GLY C 121 6.35 -19.40 16.91
N GLU C 122 7.02 -18.52 16.14
CA GLU C 122 8.42 -18.15 16.35
C GLU C 122 9.21 -18.89 15.27
N GLY C 123 9.98 -18.14 14.48
CA GLY C 123 10.76 -18.72 13.39
C GLY C 123 11.98 -19.53 13.83
N ASP C 124 12.01 -20.80 13.44
CA ASP C 124 13.23 -21.61 13.51
C ASP C 124 13.23 -22.75 12.47
N THR C 125 14.37 -22.95 11.82
CA THR C 125 14.55 -24.08 10.90
C THR C 125 14.80 -25.40 11.69
N PRO C 126 13.98 -26.45 11.45
CA PRO C 126 14.25 -27.74 12.09
C PRO C 126 15.52 -28.39 11.56
N LYS C 127 15.83 -29.57 12.09
CA LYS C 127 17.11 -30.22 11.82
C LYS C 127 17.05 -31.32 10.76
N CYS C 128 18.23 -31.69 10.26
CA CYS C 128 18.30 -32.77 9.31
C CYS C 128 18.13 -34.11 10.01
N SER C 129 17.24 -34.91 9.48
CA SER C 129 16.87 -36.16 10.12
C SER C 129 16.49 -37.16 9.04
N LYS C 130 17.48 -37.94 8.62
CA LYS C 130 17.34 -38.99 7.61
C LYS C 130 16.38 -40.09 8.06
N ILE C 131 15.19 -39.71 8.47
CA ILE C 131 14.25 -40.68 8.98
C ILE C 131 12.86 -40.21 8.60
N CYS C 132 12.11 -41.02 7.85
CA CYS C 132 10.73 -40.64 7.59
C CYS C 132 10.03 -40.56 8.92
N GLU C 133 9.48 -39.39 9.21
CA GLU C 133 8.71 -39.23 10.42
C GLU C 133 7.67 -40.37 10.46
N PRO C 134 7.29 -40.84 11.67
CA PRO C 134 6.46 -42.06 11.83
C PRO C 134 5.11 -42.09 11.11
N GLY C 135 4.64 -43.30 10.81
CA GLY C 135 3.37 -43.50 10.10
C GLY C 135 3.53 -43.67 8.59
N TYR C 136 4.77 -43.72 8.14
CA TYR C 136 5.05 -43.87 6.73
C TYR C 136 6.10 -44.93 6.45
N SER C 137 5.62 -46.12 6.17
CA SER C 137 6.43 -47.03 5.38
C SER C 137 6.38 -46.42 3.98
N PRO C 138 7.48 -46.45 3.24
CA PRO C 138 8.80 -47.03 3.52
C PRO C 138 9.79 -46.12 4.27
N THR C 139 11.04 -46.17 3.84
CA THR C 139 12.14 -45.58 4.58
C THR C 139 12.96 -44.58 3.76
N TYR C 140 13.69 -43.73 4.47
CA TYR C 140 14.29 -42.53 3.93
C TYR C 140 15.22 -42.81 2.74
N LYS C 141 16.26 -43.60 2.95
CA LYS C 141 17.10 -43.92 1.81
C LYS C 141 16.26 -44.61 0.73
N GLN C 142 15.26 -45.35 1.19
CA GLN C 142 14.34 -46.01 0.27
C GLN C 142 13.37 -45.03 -0.41
N ASP C 143 13.15 -43.85 0.19
CA ASP C 143 12.12 -42.94 -0.33
C ASP C 143 12.66 -41.80 -1.23
N LYS C 144 13.96 -41.86 -1.48
CA LYS C 144 14.62 -40.77 -2.15
C LYS C 144 14.29 -40.76 -3.65
N HIS C 145 14.05 -39.57 -4.16
CA HIS C 145 13.68 -39.40 -5.54
C HIS C 145 14.79 -38.60 -6.15
N TYR C 146 15.66 -39.24 -6.92
CA TYR C 146 16.83 -38.57 -7.43
C TYR C 146 16.60 -37.97 -8.81
N GLY C 147 17.22 -36.84 -9.07
CA GLY C 147 17.30 -36.29 -10.40
C GLY C 147 18.54 -36.79 -11.11
N TYR C 148 18.49 -36.75 -12.44
CA TYR C 148 19.56 -37.23 -13.32
C TYR C 148 20.49 -36.09 -13.71
N ASN C 149 19.93 -34.92 -13.97
CA ASN C 149 20.68 -33.74 -14.30
C ASN C 149 19.85 -32.51 -13.93
N SER C 150 20.52 -31.43 -13.50
CA SER C 150 19.97 -30.06 -13.47
C SER C 150 20.76 -29.17 -14.43
N TYR C 151 20.28 -27.96 -14.69
CA TYR C 151 20.92 -27.00 -15.59
C TYR C 151 20.16 -25.70 -15.53
N SER C 152 20.87 -24.61 -15.84
CA SER C 152 20.21 -23.35 -16.13
C SER C 152 19.52 -23.38 -17.48
N VAL C 153 18.26 -22.93 -17.53
CA VAL C 153 17.59 -22.61 -18.79
C VAL C 153 18.17 -21.25 -19.16
N SER C 154 17.95 -20.79 -20.38
CA SER C 154 18.61 -19.56 -20.75
C SER C 154 17.66 -18.36 -20.73
N ASN C 155 18.23 -17.15 -20.76
CA ASN C 155 17.44 -15.93 -20.79
C ASN C 155 16.85 -15.77 -22.18
N SER C 156 15.82 -16.56 -22.48
CA SER C 156 15.17 -16.55 -23.78
C SER C 156 13.79 -17.18 -23.64
N GLU C 157 12.73 -16.40 -23.85
CA GLU C 157 11.35 -16.86 -23.60
C GLU C 157 11.01 -18.16 -24.36
N LYS C 158 11.43 -18.23 -25.61
CA LYS C 158 11.28 -19.46 -26.40
C LYS C 158 12.08 -20.64 -25.82
N ASP C 159 13.34 -20.38 -25.45
CA ASP C 159 14.15 -21.39 -24.80
C ASP C 159 13.38 -21.89 -23.57
N ILE C 160 12.78 -20.93 -22.85
CA ILE C 160 12.05 -21.16 -21.60
C ILE C 160 10.69 -21.78 -21.87
N MET C 161 10.05 -21.36 -22.96
CA MET C 161 8.77 -21.98 -23.36
C MET C 161 8.92 -23.45 -23.80
N ALA C 162 9.94 -23.76 -24.60
CA ALA C 162 10.23 -25.15 -24.97
C ALA C 162 10.59 -26.02 -23.73
N GLU C 163 11.33 -25.45 -22.77
CA GLU C 163 11.68 -26.17 -21.57
C GLU C 163 10.44 -26.63 -20.83
N ILE C 164 9.47 -25.74 -20.73
CA ILE C 164 8.24 -25.96 -19.95
C ILE C 164 7.33 -26.98 -20.63
N TYR C 165 7.01 -26.68 -21.89
CA TYR C 165 6.17 -27.47 -22.77
C TYR C 165 6.63 -28.92 -22.88
N LYS C 166 7.92 -29.08 -23.22
CA LYS C 166 8.56 -30.39 -23.32
C LYS C 166 8.73 -31.17 -22.00
N ASN C 167 9.25 -30.53 -20.94
CA ASN C 167 9.66 -31.30 -19.73
C ASN C 167 8.91 -31.02 -18.43
N GLY C 168 7.87 -30.20 -18.48
CA GLY C 168 7.11 -29.86 -17.29
C GLY C 168 7.54 -28.55 -16.71
N PRO C 169 6.85 -28.07 -15.63
CA PRO C 169 7.18 -26.82 -14.90
C PRO C 169 8.67 -26.62 -14.54
N VAL C 170 9.02 -25.40 -14.17
CA VAL C 170 10.40 -25.04 -13.83
C VAL C 170 10.39 -23.99 -12.71
N GLU C 171 11.53 -23.81 -12.06
CA GLU C 171 11.65 -22.77 -11.07
C GLU C 171 12.39 -21.54 -11.64
N GLY C 172 11.97 -20.38 -11.16
CA GLY C 172 12.60 -19.12 -11.48
C GLY C 172 12.48 -18.16 -10.30
N ALA C 173 13.18 -17.04 -10.40
CA ALA C 173 13.16 -16.01 -9.36
C ALA C 173 13.05 -14.60 -9.95
N PHE C 174 12.35 -13.72 -9.25
CA PHE C 174 12.25 -12.32 -9.64
C PHE C 174 12.46 -11.43 -8.44
N SER C 175 12.54 -10.12 -8.67
CA SER C 175 12.63 -9.12 -7.57
C SER C 175 11.24 -8.53 -7.24
N VAL C 176 10.84 -8.60 -5.94
CA VAL C 176 9.53 -8.09 -5.51
C VAL C 176 9.51 -6.65 -4.95
N TYR C 177 8.64 -5.85 -5.56
CA TYR C 177 8.42 -4.54 -5.06
C TYR C 177 7.08 -4.65 -4.37
N SER C 178 6.77 -3.68 -3.51
CA SER C 178 5.55 -3.69 -2.74
C SER C 178 4.23 -3.74 -3.54
N ASP C 179 4.22 -3.24 -4.77
CA ASP C 179 2.98 -3.26 -5.53
C ASP C 179 2.60 -4.69 -5.90
N PHE C 180 3.61 -5.57 -5.93
CA PHE C 180 3.35 -6.97 -6.23
C PHE C 180 2.34 -7.54 -5.24
N LEU C 181 2.47 -7.17 -3.97
CA LEU C 181 1.62 -7.70 -2.91
C LEU C 181 0.14 -7.32 -3.07
N LEU C 182 -0.11 -6.22 -3.77
CA LEU C 182 -1.46 -5.78 -4.07
C LEU C 182 -2.10 -6.57 -5.21
N TYR C 183 -1.33 -7.47 -5.79
CA TYR C 183 -1.72 -8.18 -7.00
C TYR C 183 -3.02 -8.96 -6.82
N LYS C 184 -3.82 -9.02 -7.88
CA LYS C 184 -5.02 -9.82 -7.83
C LYS C 184 -5.43 -10.55 -9.10
N SER C 185 -5.28 -9.89 -10.25
CA SER C 185 -5.79 -10.39 -11.51
C SER C 185 -5.09 -9.69 -12.66
N GLY C 186 -5.38 -10.12 -13.88
CA GLY C 186 -4.70 -9.64 -15.07
C GLY C 186 -3.21 -9.92 -14.98
N VAL C 187 -2.45 -9.36 -15.92
CA VAL C 187 -0.98 -9.47 -15.90
C VAL C 187 -0.37 -8.40 -15.00
N TYR C 188 0.42 -8.83 -14.02
CA TYR C 188 1.17 -7.88 -13.19
C TYR C 188 2.31 -7.26 -14.01
N GLN C 189 2.85 -6.14 -13.52
CA GLN C 189 3.90 -5.40 -14.22
C GLN C 189 4.30 -4.31 -13.24
N HIS C 190 5.60 -4.11 -13.08
CA HIS C 190 6.12 -3.28 -12.01
C HIS C 190 6.26 -1.79 -12.39
N VAL C 191 5.91 -0.93 -11.43
CA VAL C 191 5.65 0.50 -11.64
C VAL C 191 6.24 1.35 -10.53
N THR C 192 5.98 0.95 -9.28
CA THR C 192 6.58 1.56 -8.09
C THR C 192 6.87 0.51 -7.05
N GLY C 193 7.10 0.98 -5.83
CA GLY C 193 7.29 0.14 -4.68
C GLY C 193 8.69 0.30 -4.12
N GLU C 194 8.83 -0.15 -2.89
CA GLU C 194 10.11 -0.32 -2.26
C GLU C 194 10.51 -1.76 -2.64
N MET C 195 11.81 -1.97 -2.91
CA MET C 195 12.34 -3.31 -3.09
C MET C 195 12.14 -4.05 -1.75
N MET C 196 11.28 -5.08 -1.75
CA MET C 196 11.02 -5.88 -0.55
C MET C 196 12.11 -6.96 -0.36
N GLY C 197 12.46 -7.62 -1.46
CA GLY C 197 13.50 -8.65 -1.52
C GLY C 197 13.24 -9.68 -2.61
N GLY C 198 14.26 -10.49 -2.95
CA GLY C 198 14.17 -11.50 -4.05
C GLY C 198 13.40 -12.76 -3.71
N HIS C 199 12.65 -13.30 -4.68
CA HIS C 199 11.70 -14.41 -4.41
C HIS C 199 11.74 -15.51 -5.50
N ALA C 200 11.48 -16.76 -5.10
CA ALA C 200 11.50 -17.92 -6.03
C ALA C 200 10.16 -18.63 -6.19
N ILE C 201 9.83 -18.97 -7.44
CA ILE C 201 8.50 -19.48 -7.83
C ILE C 201 8.52 -20.64 -8.86
N ARG C 202 7.34 -21.17 -9.21
CA ARG C 202 7.22 -22.20 -10.24
C ARG C 202 6.55 -21.62 -11.53
N ILE C 203 7.28 -21.54 -12.66
CA ILE C 203 6.66 -21.09 -13.92
C ILE C 203 6.05 -22.28 -14.67
N LEU C 204 4.73 -22.28 -14.81
CA LEU C 204 4.09 -23.47 -15.36
C LEU C 204 3.39 -23.29 -16.69
N GLY C 205 3.76 -22.27 -17.45
CA GLY C 205 3.15 -22.07 -18.77
C GLY C 205 3.24 -20.65 -19.29
N TRP C 206 2.43 -20.32 -20.28
CA TRP C 206 2.42 -18.95 -20.83
C TRP C 206 1.07 -18.57 -21.44
N GLY C 207 0.88 -17.28 -21.69
CA GLY C 207 -0.28 -16.84 -22.45
C GLY C 207 -0.23 -15.41 -22.97
N VAL C 208 -1.41 -14.92 -23.33
CA VAL C 208 -1.65 -13.55 -23.78
C VAL C 208 -3.05 -13.17 -23.28
N GLU C 209 -3.10 -12.26 -22.32
CA GLU C 209 -4.34 -11.76 -21.73
C GLU C 209 -4.34 -10.26 -21.90
N ASN C 210 -5.51 -9.67 -22.11
CA ASN C 210 -5.61 -8.21 -22.08
C ASN C 210 -4.66 -7.53 -23.08
N GLY C 211 -4.43 -8.17 -24.23
CA GLY C 211 -3.42 -7.68 -25.14
C GLY C 211 -1.98 -8.05 -24.73
N THR C 212 -1.71 -8.22 -23.44
CA THR C 212 -0.32 -8.37 -22.94
C THR C 212 0.19 -9.83 -22.76
N PRO C 213 1.46 -10.09 -23.17
CA PRO C 213 2.10 -11.42 -23.04
C PRO C 213 2.60 -11.75 -21.62
N TYR C 214 2.23 -12.91 -21.06
CA TYR C 214 2.56 -13.25 -19.67
C TYR C 214 3.10 -14.66 -19.42
N TRP C 215 3.63 -14.87 -18.21
CA TRP C 215 4.06 -16.19 -17.71
C TRP C 215 3.03 -16.60 -16.63
N LEU C 216 2.50 -17.80 -16.72
CA LEU C 216 1.61 -18.27 -15.66
C LEU C 216 2.51 -18.75 -14.55
N VAL C 217 2.27 -18.31 -13.31
CA VAL C 217 3.21 -18.66 -12.26
C VAL C 217 2.49 -19.03 -10.99
N ALA C 218 3.04 -19.96 -10.21
CA ALA C 218 2.45 -20.25 -8.91
C ALA C 218 3.32 -19.63 -7.82
N ASN C 219 2.69 -18.88 -6.89
CA ASN C 219 3.35 -18.40 -5.68
C ASN C 219 3.18 -19.48 -4.59
N SER C 220 3.86 -19.32 -3.46
CA SER C 220 3.79 -20.29 -2.37
C SER C 220 3.14 -19.76 -1.11
N TRP C 221 2.02 -19.03 -1.24
CA TRP C 221 1.44 -18.25 -0.11
C TRP C 221 -0.02 -18.60 0.26
N ASN C 222 -0.51 -19.76 -0.18
CA ASN C 222 -1.93 -20.15 -0.03
C ASN C 222 -2.87 -19.59 -1.12
N THR C 223 -4.14 -20.02 -1.05
CA THR C 223 -5.10 -19.81 -2.16
C THR C 223 -5.95 -18.54 -2.11
N ASP C 224 -5.75 -17.68 -1.12
CA ASP C 224 -6.48 -16.43 -1.11
C ASP C 224 -5.78 -15.44 -2.01
N TRP C 225 -4.48 -15.27 -1.77
CA TRP C 225 -3.65 -14.33 -2.51
C TRP C 225 -3.89 -14.47 -3.99
N GLY C 226 -3.85 -13.33 -4.67
CA GLY C 226 -3.95 -13.24 -6.12
C GLY C 226 -5.08 -14.07 -6.66
N ASP C 227 -4.75 -14.94 -7.62
CA ASP C 227 -5.71 -15.72 -8.36
C ASP C 227 -5.75 -17.18 -7.91
N ASN C 228 -6.45 -17.45 -6.82
CA ASN C 228 -6.55 -18.81 -6.26
C ASN C 228 -5.17 -19.47 -5.98
N GLY C 229 -4.17 -18.61 -5.73
CA GLY C 229 -2.79 -19.03 -5.47
C GLY C 229 -1.75 -18.67 -6.52
N PHE C 230 -2.21 -18.29 -7.72
CA PHE C 230 -1.37 -18.18 -8.93
C PHE C 230 -1.21 -16.75 -9.34
N PHE C 231 -0.52 -16.51 -10.45
CA PHE C 231 -0.39 -15.14 -10.98
C PHE C 231 0.20 -15.11 -12.37
N LYS C 232 -0.02 -13.99 -13.06
CA LYS C 232 0.55 -13.80 -14.38
C LYS C 232 1.46 -12.59 -14.20
N ILE C 233 2.40 -12.42 -15.10
CA ILE C 233 3.52 -11.54 -14.86
C ILE C 233 4.06 -11.38 -16.26
N LEU C 234 4.38 -10.16 -16.63
CA LEU C 234 4.83 -9.84 -17.97
C LEU C 234 6.04 -10.65 -18.49
N ARG C 235 5.83 -11.16 -19.71
CA ARG C 235 6.72 -12.05 -20.41
C ARG C 235 7.28 -11.35 -21.66
N GLY C 236 8.59 -11.40 -21.86
CA GLY C 236 9.19 -10.79 -23.06
C GLY C 236 10.42 -9.92 -22.87
N GLN C 237 10.48 -9.13 -21.79
CA GLN C 237 11.68 -8.31 -21.49
C GLN C 237 12.37 -8.51 -20.13
N ASP C 238 12.44 -9.76 -19.65
CA ASP C 238 13.07 -10.14 -18.36
C ASP C 238 12.51 -9.33 -17.17
N HIS C 239 11.19 -9.32 -17.03
CA HIS C 239 10.55 -8.41 -16.09
C HIS C 239 10.84 -8.77 -14.63
N CYS C 240 11.50 -7.82 -13.94
CA CYS C 240 12.01 -8.01 -12.58
C CYS C 240 12.97 -9.18 -12.49
N GLY C 241 13.51 -9.58 -13.62
CA GLY C 241 14.44 -10.69 -13.69
C GLY C 241 13.83 -12.06 -13.89
N ILE C 242 12.51 -12.14 -14.08
CA ILE C 242 11.80 -13.42 -14.13
C ILE C 242 12.36 -14.44 -15.13
N GLU C 243 13.04 -13.95 -16.16
CA GLU C 243 13.57 -14.76 -17.24
C GLU C 243 15.04 -15.07 -17.11
N SER C 244 15.67 -14.57 -16.05
CA SER C 244 17.12 -14.64 -15.92
C SER C 244 17.64 -15.61 -14.87
N GLU C 245 16.74 -16.20 -14.07
CA GLU C 245 17.18 -17.09 -12.98
C GLU C 245 16.52 -18.46 -13.06
N VAL C 246 16.43 -19.00 -14.27
CA VAL C 246 15.65 -20.21 -14.47
C VAL C 246 16.48 -21.49 -14.37
N VAL C 247 15.98 -22.45 -13.60
CA VAL C 247 16.62 -23.72 -13.38
C VAL C 247 15.61 -24.82 -13.56
N ALA C 248 16.02 -25.93 -14.16
CA ALA C 248 15.26 -27.18 -14.09
C ALA C 248 16.24 -28.32 -14.09
N GLY C 249 15.78 -29.47 -14.58
CA GLY C 249 16.57 -30.69 -14.66
C GLY C 249 15.62 -31.84 -14.85
N ILE C 250 16.13 -32.98 -15.32
CA ILE C 250 15.33 -34.15 -15.70
C ILE C 250 15.37 -35.26 -14.62
N PRO C 251 14.21 -35.80 -14.20
CA PRO C 251 14.22 -36.79 -13.12
C PRO C 251 14.96 -38.09 -13.47
N ARG C 252 15.69 -38.64 -12.50
CA ARG C 252 16.41 -39.91 -12.69
C ARG C 252 15.50 -41.11 -12.52
N THR C 253 15.94 -42.23 -13.09
CA THR C 253 15.16 -43.48 -13.23
C THR C 253 14.06 -43.39 -14.30
N ASP C 254 13.22 -42.37 -14.20
CA ASP C 254 12.15 -42.20 -15.18
C ASP C 254 12.07 -40.76 -15.69
N MET D 1 17.32 -8.70 -4.42
CA MET D 1 17.84 -9.77 -5.32
C MET D 1 18.42 -10.96 -4.51
N ILE D 2 17.56 -11.66 -3.75
CA ILE D 2 18.05 -12.61 -2.73
C ILE D 2 17.41 -13.99 -2.47
N PRO D 3 16.31 -14.37 -3.15
CA PRO D 3 15.33 -15.40 -2.83
C PRO D 3 15.15 -15.82 -1.37
N GLY D 4 14.16 -15.22 -0.71
CA GLY D 4 13.89 -15.49 0.67
C GLY D 4 14.93 -14.90 1.61
N GLY D 5 15.82 -14.09 1.04
CA GLY D 5 16.77 -13.32 1.86
C GLY D 5 16.12 -12.01 2.31
N LEU D 6 16.76 -11.33 3.25
CA LEU D 6 16.31 -10.00 3.62
C LEU D 6 17.10 -8.96 2.84
N SER D 7 16.40 -7.90 2.42
CA SER D 7 16.87 -6.84 1.50
C SER D 7 18.03 -5.95 1.99
N GLU D 8 18.56 -5.10 1.09
CA GLU D 8 19.45 -3.98 1.47
C GLU D 8 18.85 -3.22 2.67
N ALA D 9 19.67 -2.49 3.41
CA ALA D 9 19.20 -1.74 4.58
C ALA D 9 18.58 -0.38 4.18
N LYS D 10 17.57 0.05 4.97
CA LYS D 10 16.77 1.23 4.67
C LYS D 10 16.68 2.20 5.87
N PRO D 11 16.75 3.53 5.62
CA PRO D 11 16.59 4.37 6.80
C PRO D 11 15.19 4.25 7.42
N ALA D 12 15.08 4.65 8.68
CA ALA D 12 13.81 4.65 9.39
C ALA D 12 12.78 5.47 8.63
N THR D 13 11.50 5.12 8.78
CA THR D 13 10.38 5.93 8.27
C THR D 13 9.25 5.96 9.30
N PRO D 14 8.20 6.79 9.06
CA PRO D 14 6.98 6.80 9.88
C PRO D 14 6.25 5.45 9.98
N GLU D 15 6.09 4.78 8.84
CA GLU D 15 5.41 3.49 8.74
C GLU D 15 6.07 2.48 9.69
N ILE D 16 7.39 2.51 9.74
CA ILE D 16 8.16 1.57 10.53
C ILE D 16 7.95 1.89 12.00
N GLN D 17 8.20 3.15 12.32
CA GLN D 17 7.92 3.73 13.64
C GLN D 17 6.58 3.26 14.20
N GLU D 18 5.54 3.34 13.38
CA GLU D 18 4.19 2.95 13.79
C GLU D 18 4.15 1.45 14.04
N ILE D 19 4.80 0.70 13.15
CA ILE D 19 4.91 -0.71 13.37
C ILE D 19 5.37 -0.97 14.81
N VAL D 20 6.52 -0.42 15.19
CA VAL D 20 7.09 -0.72 16.51
C VAL D 20 6.12 -0.34 17.66
N ASP D 21 5.76 0.95 17.73
CA ASP D 21 4.83 1.45 18.75
C ASP D 21 3.57 0.61 18.85
N LYS D 22 3.25 -0.08 17.76
CA LYS D 22 2.06 -0.84 17.66
C LYS D 22 2.31 -2.23 18.21
N VAL D 23 3.55 -2.69 18.16
CA VAL D 23 3.89 -4.00 18.70
C VAL D 23 4.53 -3.91 20.10
N LYS D 24 4.71 -2.69 20.57
CA LYS D 24 5.33 -2.44 21.87
C LYS D 24 4.65 -3.19 23.04
N PRO D 25 3.30 -3.28 23.06
CA PRO D 25 2.69 -3.97 24.21
C PRO D 25 3.05 -5.44 24.24
N GLN D 26 3.26 -5.99 23.05
CA GLN D 26 3.71 -7.37 22.92
C GLN D 26 5.15 -7.46 23.41
N LEU D 27 5.95 -6.43 23.15
CA LEU D 27 7.33 -6.44 23.60
C LEU D 27 7.42 -6.28 25.12
N GLU D 28 6.47 -5.55 25.70
CA GLU D 28 6.31 -5.49 27.16
C GLU D 28 6.00 -6.88 27.72
N GLU D 29 4.92 -7.49 27.24
CA GLU D 29 4.44 -8.78 27.69
C GLU D 29 5.56 -9.82 27.80
N LYS D 30 6.42 -9.86 26.79
CA LYS D 30 7.56 -10.79 26.77
C LYS D 30 8.61 -10.38 27.78
N THR D 31 9.03 -9.12 27.70
CA THR D 31 10.11 -8.62 28.55
C THR D 31 9.70 -8.34 29.99
N ASN D 32 8.39 -8.28 30.27
CA ASN D 32 7.91 -7.96 31.61
C ASN D 32 8.24 -6.50 31.98
N GLU D 33 9.02 -5.84 31.11
CA GLU D 33 9.51 -4.45 31.31
C GLU D 33 8.50 -3.36 30.92
N THR D 34 8.99 -2.12 30.80
CA THR D 34 8.20 -0.99 30.34
C THR D 34 9.10 0.01 29.61
N TYR D 35 8.69 0.44 28.41
CA TYR D 35 9.57 1.24 27.57
C TYR D 35 9.17 2.69 27.45
N GLY D 36 10.18 3.56 27.45
CA GLY D 36 9.92 4.97 27.19
C GLY D 36 9.26 5.01 25.82
N LYS D 37 10.01 4.58 24.81
CA LYS D 37 9.57 4.56 23.44
C LYS D 37 10.74 3.96 22.72
N LEU D 38 10.43 3.13 21.74
CA LEU D 38 11.43 2.52 20.91
C LEU D 38 11.48 3.38 19.67
N GLU D 39 12.63 3.40 18.99
CA GLU D 39 12.80 4.23 17.82
C GLU D 39 13.54 3.49 16.72
N ALA D 40 12.88 3.33 15.57
CA ALA D 40 13.52 2.77 14.39
C ALA D 40 14.66 3.69 14.00
N VAL D 41 15.80 3.12 13.60
CA VAL D 41 16.88 3.92 13.06
C VAL D 41 17.20 3.41 11.67
N GLN D 42 16.94 2.12 11.50
CA GLN D 42 17.31 1.36 10.33
C GLN D 42 16.34 0.21 10.31
N TYR D 43 15.94 -0.26 9.12
CA TYR D 43 15.20 -1.52 9.03
C TYR D 43 15.55 -2.29 7.75
N LYS D 44 15.34 -3.60 7.78
CA LYS D 44 15.43 -4.48 6.58
C LYS D 44 14.14 -5.30 6.40
N THR D 45 13.83 -5.68 5.16
CA THR D 45 12.62 -6.48 4.95
C THR D 45 12.88 -7.79 4.21
N GLN D 46 11.95 -8.72 4.37
CA GLN D 46 12.09 -10.06 3.81
C GLN D 46 10.75 -10.59 3.32
N VAL D 47 10.74 -11.12 2.08
CA VAL D 47 9.51 -11.62 1.45
C VAL D 47 9.27 -13.03 1.91
N VAL D 48 8.14 -13.25 2.54
CA VAL D 48 7.75 -14.60 2.88
C VAL D 48 6.28 -14.68 2.49
N ALA D 49 5.51 -15.56 3.13
CA ALA D 49 4.05 -15.59 2.96
C ALA D 49 3.43 -14.41 3.71
N GLY D 50 3.80 -13.22 3.23
CA GLY D 50 3.72 -11.97 3.98
C GLY D 50 5.11 -11.36 4.03
N THR D 51 5.29 -10.33 4.84
CA THR D 51 6.61 -9.73 4.99
C THR D 51 7.11 -9.88 6.42
N ASN D 52 8.38 -10.27 6.56
CA ASN D 52 9.09 -10.10 7.81
C ASN D 52 9.74 -8.70 7.90
N TYR D 53 9.59 -8.05 9.03
CA TYR D 53 10.32 -6.82 9.25
C TYR D 53 11.49 -6.99 10.20
N TYR D 54 12.65 -6.47 9.80
CA TYR D 54 13.82 -6.48 10.69
C TYR D 54 14.22 -5.10 11.16
N ILE D 55 13.54 -4.64 12.20
CA ILE D 55 13.73 -3.29 12.70
C ILE D 55 14.81 -3.27 13.76
N LYS D 56 15.70 -2.28 13.66
CA LYS D 56 16.61 -1.91 14.74
C LYS D 56 16.00 -0.79 15.58
N VAL D 57 15.55 -1.12 16.78
CA VAL D 57 14.98 -0.08 17.64
C VAL D 57 16.00 0.49 18.67
N ARG D 58 15.95 1.81 18.86
CA ARG D 58 16.84 2.47 19.84
C ARG D 58 16.11 2.88 21.12
N ALA D 59 16.02 1.95 22.06
CA ALA D 59 15.38 2.22 23.36
C ALA D 59 16.34 3.01 24.27
N GLY D 60 16.17 2.85 25.59
CA GLY D 60 16.96 3.61 26.59
C GLY D 60 18.45 3.29 26.71
N ASP D 61 19.23 4.34 26.96
CA ASP D 61 20.67 4.23 27.25
C ASP D 61 21.55 3.85 26.06
N ASN D 62 22.81 3.60 26.35
CA ASN D 62 23.88 3.25 25.39
C ASN D 62 23.50 2.55 24.09
N LYS D 63 22.64 1.53 24.19
CA LYS D 63 22.55 0.53 23.12
C LYS D 63 21.13 0.17 22.60
N TYR D 64 21.10 -0.42 21.41
CA TYR D 64 19.85 -0.65 20.67
C TYR D 64 19.32 -2.09 20.77
N MET D 65 18.03 -2.28 20.45
CA MET D 65 17.41 -3.62 20.28
C MET D 65 17.16 -3.92 18.77
N HIS D 66 16.85 -5.19 18.46
CA HIS D 66 16.59 -5.67 17.09
C HIS D 66 15.31 -6.47 17.10
N LEU D 67 14.25 -5.91 16.51
CA LEU D 67 12.97 -6.60 16.49
C LEU D 67 12.69 -7.28 15.15
N LYS D 68 11.98 -8.39 15.19
CA LYS D 68 11.60 -9.13 14.01
C LYS D 68 10.09 -9.20 14.06
N VAL D 69 9.45 -8.40 13.22
CA VAL D 69 8.00 -8.24 13.27
C VAL D 69 7.41 -8.74 11.96
N PHE D 70 6.59 -9.79 12.04
CA PHE D 70 5.90 -10.29 10.84
C PHE D 70 4.69 -9.40 10.51
N LYS D 71 4.61 -9.03 9.24
CA LYS D 71 3.49 -8.23 8.78
C LYS D 71 2.59 -9.08 7.90
N SER D 72 1.28 -8.94 8.10
CA SER D 72 0.36 -9.72 7.30
C SER D 72 0.22 -9.18 5.89
N LEU D 73 -0.19 -10.06 5.00
CA LEU D 73 -0.28 -9.79 3.58
C LEU D 73 -1.57 -8.98 3.29
N PRO D 74 -1.53 -8.06 2.29
CA PRO D 74 -2.66 -7.22 1.89
C PRO D 74 -3.96 -7.98 1.70
N GLY D 75 -4.92 -7.39 0.99
CA GLY D 75 -6.31 -7.83 1.12
C GLY D 75 -6.55 -7.63 2.60
N GLN D 76 -6.26 -6.38 3.00
CA GLN D 76 -5.87 -5.99 4.36
C GLN D 76 -6.48 -6.75 5.55
N ASN D 77 -5.71 -7.73 6.01
CA ASN D 77 -5.94 -8.46 7.23
C ASN D 77 -4.81 -8.12 8.22
N GLU D 78 -4.36 -6.87 8.14
CA GLU D 78 -3.12 -6.36 8.79
C GLU D 78 -2.83 -6.84 10.22
N ASP D 79 -1.87 -7.76 10.30
CA ASP D 79 -1.52 -8.38 11.56
C ASP D 79 -0.04 -8.17 11.83
N LEU D 80 0.26 -7.25 12.74
CA LEU D 80 1.66 -6.99 13.08
C LEU D 80 2.04 -7.83 14.28
N VAL D 81 2.46 -9.05 14.03
CA VAL D 81 2.91 -9.87 15.13
C VAL D 81 4.39 -9.61 15.35
N LEU D 82 4.76 -9.40 16.60
CA LEU D 82 6.15 -9.39 16.98
C LEU D 82 6.57 -10.84 17.17
N THR D 83 7.65 -11.25 16.49
CA THR D 83 8.05 -12.66 16.53
C THR D 83 9.50 -12.89 17.01
N GLY D 84 10.27 -11.82 17.15
CA GLY D 84 11.71 -11.94 17.40
C GLY D 84 12.20 -11.32 18.68
N TYR D 85 13.09 -10.33 18.55
CA TYR D 85 13.70 -9.59 19.66
C TYR D 85 15.03 -10.19 20.10
N GLN D 86 16.07 -9.38 19.94
CA GLN D 86 17.39 -9.73 20.36
C GLN D 86 17.94 -8.52 21.11
N VAL D 87 17.52 -8.43 22.36
CA VAL D 87 17.98 -7.42 23.32
C VAL D 87 19.50 -7.41 23.46
N ASP D 88 20.03 -6.28 23.90
CA ASP D 88 21.44 -6.12 24.20
C ASP D 88 22.33 -6.30 22.99
N LYS D 89 22.39 -5.26 22.15
CA LYS D 89 23.30 -5.22 21.02
C LYS D 89 23.85 -3.82 20.80
N ASN D 90 25.18 -3.73 20.74
CA ASN D 90 25.89 -2.48 20.45
C ASN D 90 25.11 -1.62 19.44
N LYS D 91 25.33 -0.32 19.51
CA LYS D 91 24.58 0.62 18.71
C LYS D 91 24.53 0.25 17.22
N ASP D 92 25.56 -0.45 16.74
CA ASP D 92 25.79 -0.50 15.30
C ASP D 92 26.29 -1.83 14.71
N ASP D 93 25.85 -2.95 15.28
CA ASP D 93 26.03 -4.23 14.59
C ASP D 93 24.85 -4.41 13.62
N GLU D 94 25.17 -4.77 12.38
CA GLU D 94 24.22 -4.96 11.28
C GLU D 94 22.99 -5.82 11.60
N LEU D 95 21.91 -5.52 10.88
CA LEU D 95 20.65 -6.29 10.95
C LEU D 95 20.83 -7.67 10.30
N THR D 96 20.61 -8.72 11.08
CA THR D 96 20.78 -10.08 10.59
C THR D 96 19.50 -10.88 10.78
N GLY D 97 19.43 -12.03 10.13
CA GLY D 97 18.25 -12.87 10.21
C GLY D 97 18.18 -13.67 11.50
N PHE D 98 16.99 -14.20 11.76
CA PHE D 98 16.67 -15.12 12.87
C PHE D 98 15.17 -15.43 12.85
#